data_4NFU
#
_entry.id   4NFU
#
_cell.length_a   112.586
_cell.length_b   113.643
_cell.length_c   125.386
_cell.angle_alpha   90.00
_cell.angle_beta   90.00
_cell.angle_gamma   90.00
#
_symmetry.space_group_name_H-M   'P 21 21 21'
#
loop_
_entity.id
_entity.type
_entity.pdbx_description
1 polymer EDS1
2 polymer 'Senescence-associated carboxylesterase 101'
3 non-polymer beta-D-glucopyranose
4 non-polymer 'ISOPROPYL ALCOHOL'
5 non-polymer '4-(2-HYDROXYETHYL)-1-PIPERAZINE ETHANESULFONIC ACID'
6 water water
#
loop_
_entity_poly.entity_id
_entity_poly.type
_entity_poly.pdbx_seq_one_letter_code
_entity_poly.pdbx_strand_id
1 'polypeptide(L)'
;MGSSHHHHHHSQDPAFEALTGINGDLITRSWSASKQAYLTERYHKEEAGAVVIFAFQPSFSEKDFFDPDNKSSFGEIKLN
RVQFPCMRKIGKGDVATVNEAFLKNLEAVIDPRTSFQASVEMAVRSRKQIVFTGHSSGGATAILATVWYLEKYFIRNPNV
YLEPRCVTFGAPLVGDSIFSHALGREKWSRFFVNFVTRFDIVPRITLARKASVEETLPHVLAQLDPRNSSVQESEQRITE
FYTSVMRDTSTVANQAVCELTGSAEAILETLSSFLELSPYRPAGTFVFSTEKRLVAVNNSDAILQMLFYTCQASDEQEWS
LIPFRSIRDHHSYEELVQSMGMKLFNHLDGENSIESSLNDLGVSTRGRQYVQAALEEEKKRVENQKKIIQVIQQERFLKK
LAWIEDEYKPKCQAHKNGYYDSFKVSNEENDFKANVKRAELAGVFDEVLGLLKKCQLPDEFEGDIDWIKLATRYRRLVEP
LDIANYHRHLKNEDTGPYMKRGRPTRYIYAQRGYEHHILKPNGMIAEDVFWNKVNGLNLGLQLEEIQETLKNSGSECGSC
FWAEVEELKGKPYEEVEVRVKTLEGMLREWITAGEVDEKEIFLEGSTFRKWWITLPKNHKSHSPLRDYMMDEITDT
;
A
2 'polypeptide(L)'
;SQDPESSSSLKGSALGKLVVTSGLLHSSWSKILEIHNPPYSNHDPGLQVSKKKKDSGLEFQIHREEKFTLVVFSAPPICR
SSSSDSTLLHVKDKENPFPFLCSENNPSFSLHTPAFNLFTSASTSLTYLKSELLQTLKSEKPVIITGAALGGSVASLYTL
WLLETIEPTLKRPLCITFGSPLIGDASLQQILENSVRNSCFLHVVSAQTRIKMDFFKPFGTFLICFDSGCVCIEDHVAVT
ELLNGVHDSGLVDYSQVLNRLDQSMLSLADSRLIPEDVIKGIEKRAEMKNLRFDMMFKKLNDMKISMAYIEWYKKKCKEV
KIGYYDRFKTQLAFPSKEFDINIKNHHKSELNRFWKSVVEEVERRPQSDASILKRRFLFSGNNYRRMIEPLDIAEYYLEG
RKEYRTTGRSHHYVMLEKWFGMESILIEKERCKKRDLSDLLTFDSCFWAEVEDSLIVINQLNTTVGMRDDVREVLTRKLV
EFEGYVWEIITKREVSPEIFLEESSFMKWWKEYKKIKGFNSSYLTEFMNTRKYESYGKSQ
;
B
#
# COMPACT_ATOMS: atom_id res chain seq x y z
N ALA A 15 -40.89 -2.77 -7.66
CA ALA A 15 -39.48 -3.01 -7.93
C ALA A 15 -38.62 -2.58 -6.74
N PHE A 16 -39.22 -1.82 -5.84
CA PHE A 16 -38.51 -1.31 -4.67
C PHE A 16 -38.35 -2.37 -3.58
N GLU A 17 -39.38 -3.20 -3.42
CA GLU A 17 -39.43 -4.15 -2.31
C GLU A 17 -38.57 -5.38 -2.54
N ALA A 18 -38.45 -5.81 -3.79
CA ALA A 18 -37.66 -6.97 -4.14
C ALA A 18 -36.16 -6.65 -4.05
N LEU A 19 -35.84 -5.37 -3.89
CA LEU A 19 -34.45 -4.94 -3.80
C LEU A 19 -34.04 -4.64 -2.37
N THR A 20 -34.88 -3.89 -1.66
CA THR A 20 -34.55 -3.43 -0.32
C THR A 20 -34.97 -4.43 0.75
N GLY A 21 -35.88 -5.33 0.39
CA GLY A 21 -36.37 -6.33 1.34
C GLY A 21 -37.35 -5.76 2.35
N ILE A 22 -37.75 -4.51 2.13
CA ILE A 22 -38.78 -3.89 2.95
C ILE A 22 -39.87 -3.30 2.06
N ASN A 23 -41.10 -3.32 2.56
CA ASN A 23 -42.24 -2.80 1.79
C ASN A 23 -42.71 -1.44 2.32
N GLY A 24 -43.72 -0.89 1.65
CA GLY A 24 -44.28 0.39 2.04
C GLY A 24 -44.94 0.33 3.41
N ASP A 25 -45.45 -0.85 3.76
CA ASP A 25 -46.08 -1.06 5.05
C ASP A 25 -45.10 -0.88 6.20
N LEU A 26 -43.93 -1.52 6.09
CA LEU A 26 -42.93 -1.43 7.14
C LEU A 26 -42.37 -0.02 7.25
N ILE A 27 -42.15 0.62 6.11
CA ILE A 27 -41.68 2.00 6.08
C ILE A 27 -42.65 2.92 6.80
N THR A 28 -43.95 2.75 6.52
CA THR A 28 -44.99 3.56 7.13
C THR A 28 -45.05 3.35 8.64
N ARG A 29 -45.03 2.09 9.06
CA ARG A 29 -45.03 1.76 10.47
C ARG A 29 -43.78 2.26 11.19
N SER A 30 -42.64 2.17 10.50
CA SER A 30 -41.38 2.63 11.06
C SER A 30 -41.40 4.14 11.28
N TRP A 31 -41.97 4.87 10.33
CA TRP A 31 -42.08 6.31 10.44
C TRP A 31 -43.01 6.70 11.59
N SER A 32 -44.14 6.00 11.70
CA SER A 32 -45.09 6.25 12.78
C SER A 32 -44.44 6.01 14.14
N ALA A 33 -43.68 4.94 14.26
CA ALA A 33 -42.96 4.64 15.49
C ALA A 33 -41.89 5.69 15.75
N SER A 34 -41.21 6.10 14.69
CA SER A 34 -40.17 7.13 14.79
C SER A 34 -40.74 8.43 15.36
N LYS A 35 -41.96 8.76 14.95
CA LYS A 35 -42.65 9.94 15.48
C LYS A 35 -43.03 9.74 16.94
N GLN A 36 -43.53 8.54 17.26
CA GLN A 36 -43.93 8.22 18.61
C GLN A 36 -42.75 8.24 19.58
N ALA A 37 -41.56 7.93 19.07
CA ALA A 37 -40.34 7.90 19.87
C ALA A 37 -40.00 9.26 20.46
N TYR A 38 -40.51 10.32 19.85
CA TYR A 38 -40.35 11.67 20.37
C TYR A 38 -40.96 11.81 21.75
N LEU A 39 -41.97 10.99 22.04
CA LEU A 39 -42.77 11.13 23.25
C LEU A 39 -42.36 10.17 24.37
N THR A 40 -41.33 9.37 24.14
CA THR A 40 -40.93 8.36 25.11
C THR A 40 -39.51 8.56 25.61
N GLU A 41 -39.17 7.85 26.68
CA GLU A 41 -37.80 7.81 27.19
C GLU A 41 -36.97 6.87 26.33
N ARG A 42 -35.87 7.38 25.80
CA ARG A 42 -34.91 6.58 25.04
C ARG A 42 -35.50 5.96 23.76
N TYR A 43 -36.55 5.16 23.92
CA TYR A 43 -37.09 4.42 22.78
C TYR A 43 -38.58 4.11 22.93
N HIS A 44 -39.22 3.80 21.80
CA HIS A 44 -40.60 3.32 21.78
C HIS A 44 -40.66 1.94 21.14
N LYS A 45 -41.39 1.02 21.76
CA LYS A 45 -41.61 -0.29 21.15
C LYS A 45 -43.03 -0.38 20.60
N GLU A 46 -43.13 -0.71 19.31
CA GLU A 46 -44.43 -0.90 18.68
C GLU A 46 -44.59 -2.34 18.24
N GLU A 47 -45.57 -3.03 18.81
CA GLU A 47 -45.87 -4.40 18.43
C GLU A 47 -46.97 -4.43 17.38
N ALA A 48 -46.63 -4.90 16.19
CA ALA A 48 -47.57 -4.94 15.08
C ALA A 48 -47.70 -6.34 14.49
N GLY A 49 -48.32 -7.23 15.24
CA GLY A 49 -48.54 -8.60 14.79
C GLY A 49 -47.26 -9.40 14.71
N ALA A 50 -46.78 -9.61 13.48
CA ALA A 50 -45.57 -10.39 13.25
C ALA A 50 -44.32 -9.53 13.35
N VAL A 51 -44.52 -8.22 13.39
CA VAL A 51 -43.41 -7.28 13.42
C VAL A 51 -43.31 -6.56 14.76
N VAL A 52 -42.09 -6.45 15.28
CA VAL A 52 -41.82 -5.64 16.46
C VAL A 52 -40.86 -4.52 16.11
N ILE A 53 -41.29 -3.29 16.28
CA ILE A 53 -40.49 -2.14 15.88
C ILE A 53 -39.94 -1.38 17.09
N PHE A 54 -38.63 -1.16 17.08
CA PHE A 54 -37.98 -0.36 18.11
C PHE A 54 -37.55 0.98 17.52
N ALA A 55 -38.23 2.04 17.95
CA ALA A 55 -37.91 3.39 17.48
C ALA A 55 -37.20 4.18 18.57
N PHE A 56 -36.14 4.89 18.19
CA PHE A 56 -35.30 5.56 19.18
C PHE A 56 -35.51 7.07 19.18
N GLN A 57 -35.57 7.64 20.38
CA GLN A 57 -35.80 9.07 20.56
C GLN A 57 -34.63 9.90 20.06
N PRO A 58 -34.90 10.83 19.14
CA PRO A 58 -33.87 11.73 18.63
C PRO A 58 -33.51 12.80 19.65
N SER A 59 -32.36 13.44 19.46
CA SER A 59 -31.92 14.52 20.33
C SER A 59 -31.39 15.68 19.51
N PHE A 60 -31.55 16.89 20.02
CA PHE A 60 -31.18 18.08 19.27
C PHE A 60 -30.31 19.02 20.09
N SER A 61 -29.48 18.43 20.94
CA SER A 61 -28.44 19.16 21.64
C SER A 61 -27.10 18.82 21.00
N GLU A 62 -26.19 19.79 20.93
CA GLU A 62 -24.90 19.59 20.27
C GLU A 62 -24.08 18.50 20.95
N LYS A 63 -24.36 18.28 22.24
CA LYS A 63 -23.70 17.24 23.02
C LYS A 63 -23.92 15.85 22.41
N ASP A 64 -25.08 15.67 21.77
CA ASP A 64 -25.47 14.37 21.25
C ASP A 64 -25.03 14.15 19.80
N PHE A 65 -24.30 15.12 19.25
CA PHE A 65 -23.70 14.97 17.93
C PHE A 65 -22.18 14.91 18.05
N PHE A 66 -21.62 15.85 18.82
CA PHE A 66 -20.21 15.84 19.14
C PHE A 66 -20.03 15.79 20.66
N ASP A 67 -19.60 14.64 21.17
CA ASP A 67 -19.40 14.46 22.60
C ASP A 67 -18.39 15.45 23.14
N PRO A 68 -18.75 16.16 24.23
CA PRO A 68 -17.92 17.21 24.84
C PRO A 68 -16.54 16.71 25.27
N ASP A 69 -16.47 15.48 25.75
CA ASP A 69 -15.22 14.94 26.27
C ASP A 69 -14.36 14.33 25.16
N ASN A 70 -14.91 14.27 23.95
CA ASN A 70 -14.15 13.80 22.79
C ASN A 70 -13.22 14.89 22.27
N LYS A 71 -11.93 14.56 22.16
CA LYS A 71 -10.93 15.54 21.77
C LYS A 71 -10.49 15.40 20.32
N SER A 72 -11.29 14.68 19.52
CA SER A 72 -11.00 14.52 18.10
C SER A 72 -11.83 15.49 17.27
N SER A 73 -11.37 15.77 16.06
CA SER A 73 -11.96 16.81 15.23
C SER A 73 -13.35 16.50 14.68
N PHE A 74 -13.80 15.26 14.82
CA PHE A 74 -15.10 14.87 14.29
C PHE A 74 -15.92 14.06 15.29
N GLY A 75 -15.52 14.12 16.55
CA GLY A 75 -16.23 13.41 17.61
C GLY A 75 -16.22 11.91 17.41
N GLU A 76 -15.18 11.41 16.76
CA GLU A 76 -15.12 9.99 16.39
C GLU A 76 -14.40 9.15 17.44
N ILE A 77 -14.65 7.85 17.43
CA ILE A 77 -13.98 6.92 18.32
C ILE A 77 -13.93 5.52 17.71
N LYS A 78 -12.82 4.82 17.93
CA LYS A 78 -12.69 3.45 17.46
C LYS A 78 -13.57 2.52 18.28
N LEU A 79 -14.22 1.58 17.61
CA LEU A 79 -15.05 0.59 18.30
C LEU A 79 -14.19 -0.35 19.14
N ASN A 80 -14.79 -0.91 20.19
CA ASN A 80 -14.14 -1.93 20.99
C ASN A 80 -14.25 -3.28 20.31
N ARG A 81 -13.10 -3.88 20.01
CA ARG A 81 -13.05 -5.12 19.25
C ARG A 81 -13.73 -6.29 19.98
N VAL A 82 -13.91 -6.13 21.29
CA VAL A 82 -14.57 -7.15 22.08
C VAL A 82 -16.08 -7.15 21.85
N GLN A 83 -16.67 -5.96 21.84
CA GLN A 83 -18.12 -5.83 21.74
C GLN A 83 -18.61 -5.81 20.30
N PHE A 84 -17.71 -5.47 19.36
CA PHE A 84 -18.05 -5.47 17.95
C PHE A 84 -16.97 -6.15 17.12
N PRO A 85 -16.78 -7.47 17.33
CA PRO A 85 -15.65 -8.19 16.72
C PRO A 85 -15.67 -8.23 15.20
N CYS A 86 -16.84 -8.11 14.59
CA CYS A 86 -16.95 -8.16 13.14
C CYS A 86 -16.66 -6.81 12.48
N MET A 87 -16.82 -5.74 13.24
CA MET A 87 -16.67 -4.39 12.70
C MET A 87 -15.20 -4.00 12.63
N ARG A 88 -14.53 -4.52 11.60
CA ARG A 88 -13.09 -4.35 11.44
C ARG A 88 -12.69 -4.89 10.08
N LYS A 89 -11.47 -4.59 9.66
CA LYS A 89 -10.89 -5.28 8.51
C LYS A 89 -10.26 -6.57 9.04
N ILE A 90 -10.47 -7.67 8.34
CA ILE A 90 -10.00 -8.97 8.83
C ILE A 90 -8.49 -9.11 8.73
N GLY A 91 -7.96 -9.09 7.50
CA GLY A 91 -6.54 -9.26 7.28
C GLY A 91 -5.72 -8.14 7.90
N LYS A 92 -6.16 -6.91 7.71
CA LYS A 92 -5.41 -5.75 8.19
C LYS A 92 -5.56 -5.56 9.70
N GLY A 93 -6.71 -5.96 10.23
CA GLY A 93 -6.96 -5.90 11.66
C GLY A 93 -7.66 -4.63 12.15
N ASP A 94 -7.52 -3.55 11.38
CA ASP A 94 -8.04 -2.24 11.78
C ASP A 94 -9.53 -2.25 12.12
N VAL A 95 -9.86 -1.80 13.31
CA VAL A 95 -11.24 -1.75 13.75
C VAL A 95 -11.96 -0.55 13.15
N ALA A 96 -13.29 -0.61 13.12
CA ALA A 96 -14.10 0.46 12.57
C ALA A 96 -14.19 1.64 13.53
N THR A 97 -14.59 2.79 13.01
CA THR A 97 -14.75 4.00 13.81
C THR A 97 -16.17 4.52 13.71
N VAL A 98 -16.75 4.94 14.83
CA VAL A 98 -18.09 5.52 14.83
C VAL A 98 -18.13 6.82 15.59
N ASN A 99 -19.25 7.53 15.47
CA ASN A 99 -19.52 8.73 16.26
C ASN A 99 -19.66 8.36 17.73
N GLU A 100 -18.86 8.97 18.59
CA GLU A 100 -18.87 8.61 20.00
C GLU A 100 -20.19 8.95 20.69
N ALA A 101 -20.73 10.13 20.38
CA ALA A 101 -21.98 10.58 20.98
C ALA A 101 -23.11 9.61 20.68
N PHE A 102 -23.14 9.11 19.43
CA PHE A 102 -24.17 8.17 19.02
C PHE A 102 -23.98 6.82 19.71
N LEU A 103 -22.72 6.43 19.92
CA LEU A 103 -22.41 5.18 20.59
C LEU A 103 -22.80 5.26 22.06
N LYS A 104 -22.56 6.41 22.68
CA LYS A 104 -22.96 6.63 24.06
C LYS A 104 -24.48 6.58 24.20
N ASN A 105 -25.19 7.07 23.19
CA ASN A 105 -26.64 7.05 23.21
C ASN A 105 -27.18 5.63 23.14
N LEU A 106 -26.55 4.81 22.30
CA LEU A 106 -26.89 3.39 22.22
C LEU A 106 -26.63 2.71 23.56
N GLU A 107 -25.48 3.03 24.16
CA GLU A 107 -25.12 2.47 25.45
C GLU A 107 -26.18 2.80 26.50
N ALA A 108 -26.76 3.98 26.40
CA ALA A 108 -27.74 4.45 27.36
C ALA A 108 -29.07 3.72 27.25
N VAL A 109 -29.38 3.19 26.07
CA VAL A 109 -30.64 2.48 25.87
C VAL A 109 -30.49 0.98 26.14
N ILE A 110 -29.27 0.46 25.98
CA ILE A 110 -28.99 -0.94 26.27
C ILE A 110 -28.98 -1.18 27.77
N ASP A 111 -28.76 -0.09 28.52
CA ASP A 111 -28.88 -0.07 29.98
C ASP A 111 -30.08 -0.90 30.44
N PRO A 112 -29.81 -1.95 31.24
CA PRO A 112 -30.80 -2.93 31.71
C PRO A 112 -32.11 -2.32 32.22
N ARG A 113 -32.04 -1.15 32.84
CA ARG A 113 -33.21 -0.51 33.44
C ARG A 113 -34.25 -0.06 32.41
N THR A 114 -33.87 -0.02 31.14
CA THR A 114 -34.77 0.48 30.09
C THR A 114 -35.68 -0.61 29.53
N SER A 115 -35.38 -1.86 29.88
CA SER A 115 -36.12 -3.03 29.41
C SER A 115 -35.97 -3.25 27.91
N PHE A 116 -35.08 -2.51 27.27
CA PHE A 116 -34.88 -2.62 25.82
C PHE A 116 -34.35 -3.99 25.41
N GLN A 117 -33.31 -4.46 26.10
CA GLN A 117 -32.70 -5.74 25.75
C GLN A 117 -33.65 -6.90 26.02
N ALA A 118 -34.34 -6.85 27.15
CA ALA A 118 -35.32 -7.87 27.51
C ALA A 118 -36.42 -7.96 26.46
N SER A 119 -36.86 -6.82 25.96
CA SER A 119 -37.88 -6.77 24.93
C SER A 119 -37.37 -7.32 23.61
N VAL A 120 -36.12 -7.00 23.28
CA VAL A 120 -35.48 -7.53 22.08
C VAL A 120 -35.43 -9.05 22.15
N GLU A 121 -35.04 -9.57 23.30
CA GLU A 121 -34.92 -11.01 23.50
C GLU A 121 -36.29 -11.67 23.53
N MET A 122 -37.30 -10.92 23.95
CA MET A 122 -38.68 -11.40 23.94
CA MET A 122 -38.68 -11.42 23.94
C MET A 122 -39.16 -11.56 22.50
N ALA A 123 -38.73 -10.64 21.64
CA ALA A 123 -39.11 -10.66 20.23
C ALA A 123 -38.38 -11.76 19.46
N VAL A 124 -37.15 -12.06 19.88
CA VAL A 124 -36.36 -13.11 19.25
C VAL A 124 -37.00 -14.49 19.46
N ARG A 125 -37.38 -14.76 20.71
CA ARG A 125 -37.99 -16.05 21.05
C ARG A 125 -39.33 -16.25 20.36
N SER A 126 -39.99 -15.15 19.98
CA SER A 126 -41.30 -15.22 19.36
C SER A 126 -41.21 -15.27 17.83
N ARG A 127 -39.98 -15.36 17.32
CA ARG A 127 -39.72 -15.39 15.88
C ARG A 127 -40.34 -14.22 15.14
N LYS A 128 -40.45 -13.08 15.81
CA LYS A 128 -41.00 -11.88 15.20
C LYS A 128 -39.95 -11.19 14.31
N GLN A 129 -40.42 -10.48 13.30
CA GLN A 129 -39.53 -9.64 12.51
C GLN A 129 -39.16 -8.41 13.33
N ILE A 130 -37.89 -8.30 13.69
CA ILE A 130 -37.43 -7.18 14.49
C ILE A 130 -36.98 -6.02 13.59
N VAL A 131 -37.45 -4.83 13.91
CA VAL A 131 -37.12 -3.64 13.13
C VAL A 131 -36.61 -2.52 14.02
N PHE A 132 -35.46 -1.96 13.66
CA PHE A 132 -34.91 -0.80 14.35
C PHE A 132 -35.09 0.43 13.47
N THR A 133 -35.56 1.52 14.06
CA THR A 133 -35.86 2.71 13.28
C THR A 133 -35.69 4.00 14.09
N GLY A 134 -35.67 5.12 13.39
CA GLY A 134 -35.54 6.40 14.06
C GLY A 134 -35.44 7.57 13.10
N HIS A 135 -35.84 8.73 13.59
CA HIS A 135 -35.69 9.98 12.85
C HIS A 135 -34.51 10.74 13.42
N SER A 136 -33.78 11.44 12.55
CA SER A 136 -32.64 12.26 12.96
C SER A 136 -31.60 11.42 13.71
N SER A 137 -31.13 11.93 14.85
CA SER A 137 -30.14 11.21 15.64
C SER A 137 -30.68 9.87 16.15
N GLY A 138 -32.00 9.77 16.22
CA GLY A 138 -32.64 8.52 16.58
C GLY A 138 -32.36 7.44 15.53
N GLY A 139 -32.24 7.87 14.28
CA GLY A 139 -31.89 6.97 13.19
C GLY A 139 -30.46 6.49 13.30
N ALA A 140 -29.59 7.34 13.84
CA ALA A 140 -28.19 6.98 14.06
C ALA A 140 -28.10 5.90 15.13
N THR A 141 -28.91 6.04 16.18
CA THR A 141 -28.97 5.04 17.24
C THR A 141 -29.49 3.72 16.71
N ALA A 142 -30.47 3.78 15.82
CA ALA A 142 -31.06 2.59 15.20
C ALA A 142 -30.01 1.80 14.42
N ILE A 143 -29.15 2.51 13.70
CA ILE A 143 -28.09 1.88 12.93
C ILE A 143 -27.13 1.11 13.85
N LEU A 144 -26.75 1.74 14.96
CA LEU A 144 -25.85 1.12 15.91
C LEU A 144 -26.53 -0.02 16.68
N ALA A 145 -27.81 0.15 16.93
CA ALA A 145 -28.58 -0.89 17.62
C ALA A 145 -28.69 -2.13 16.75
N THR A 146 -28.83 -1.92 15.44
CA THR A 146 -28.91 -3.03 14.50
C THR A 146 -27.61 -3.82 14.48
N VAL A 147 -26.48 -3.11 14.45
CA VAL A 147 -25.17 -3.74 14.48
C VAL A 147 -24.98 -4.51 15.78
N TRP A 148 -25.38 -3.89 16.89
CA TRP A 148 -25.36 -4.54 18.19
C TRP A 148 -26.15 -5.84 18.18
N TYR A 149 -27.34 -5.79 17.59
CA TYR A 149 -28.19 -6.95 17.45
C TYR A 149 -27.53 -8.03 16.58
N LEU A 150 -26.95 -7.60 15.47
CA LEU A 150 -26.30 -8.50 14.55
C LEU A 150 -25.11 -9.21 15.20
N GLU A 151 -24.36 -8.46 16.00
CA GLU A 151 -23.19 -9.00 16.69
C GLU A 151 -23.58 -9.93 17.84
N LYS A 152 -24.61 -9.55 18.59
CA LYS A 152 -24.97 -10.27 19.79
C LYS A 152 -25.84 -11.50 19.52
N TYR A 153 -26.72 -11.40 18.53
CA TYR A 153 -27.71 -12.46 18.32
C TYR A 153 -27.62 -13.14 16.95
N PHE A 154 -27.67 -12.34 15.88
CA PHE A 154 -27.81 -12.90 14.54
C PHE A 154 -26.62 -13.75 14.11
N ILE A 155 -25.41 -13.28 14.37
CA ILE A 155 -24.20 -13.99 13.97
C ILE A 155 -24.06 -15.31 14.74
N ARG A 156 -24.68 -15.37 15.91
CA ARG A 156 -24.57 -16.54 16.79
C ARG A 156 -25.48 -17.67 16.34
N ASN A 157 -26.57 -17.32 15.66
CA ASN A 157 -27.52 -18.31 15.14
C ASN A 157 -28.36 -17.71 14.02
N PRO A 158 -27.77 -17.61 12.81
CA PRO A 158 -28.37 -16.90 11.67
C PRO A 158 -29.59 -17.59 11.08
N ASN A 159 -30.78 -17.21 11.56
CA ASN A 159 -32.02 -17.66 10.96
C ASN A 159 -32.58 -16.61 10.02
N VAL A 160 -33.48 -17.02 9.14
CA VAL A 160 -34.21 -16.06 8.31
C VAL A 160 -35.16 -15.28 9.19
N TYR A 161 -35.57 -15.90 10.30
CA TYR A 161 -36.44 -15.27 11.29
C TYR A 161 -35.68 -14.20 12.08
N LEU A 162 -34.36 -14.36 12.18
CA LEU A 162 -33.56 -13.48 13.02
C LEU A 162 -33.07 -12.22 12.28
N GLU A 163 -33.20 -12.21 10.96
CA GLU A 163 -32.78 -11.06 10.17
C GLU A 163 -33.48 -9.79 10.63
N PRO A 164 -32.71 -8.76 11.00
CA PRO A 164 -33.31 -7.49 11.38
C PRO A 164 -33.58 -6.60 10.17
N ARG A 165 -34.22 -5.46 10.41
CA ARG A 165 -34.33 -4.42 9.40
C ARG A 165 -34.02 -3.10 10.07
N CYS A 166 -33.24 -2.26 9.41
CA CYS A 166 -32.98 -0.92 9.91
C CYS A 166 -33.50 0.12 8.94
N VAL A 167 -34.40 0.96 9.41
CA VAL A 167 -35.00 1.99 8.58
C VAL A 167 -34.82 3.35 9.23
N THR A 168 -34.12 4.26 8.56
CA THR A 168 -33.86 5.57 9.14
C THR A 168 -34.42 6.69 8.27
N PHE A 169 -34.70 7.82 8.92
CA PHE A 169 -35.21 8.99 8.24
C PHE A 169 -34.38 10.22 8.62
N GLY A 170 -33.63 10.74 7.65
CA GLY A 170 -32.79 11.91 7.88
C GLY A 170 -31.74 11.67 8.95
N ALA A 171 -31.16 10.48 8.95
CA ALA A 171 -30.17 10.13 9.95
C ALA A 171 -28.81 10.74 9.63
N PRO A 172 -28.06 11.13 10.67
CA PRO A 172 -26.66 11.51 10.51
C PRO A 172 -25.83 10.31 10.07
N LEU A 173 -24.65 10.54 9.50
CA LEU A 173 -23.73 9.44 9.21
C LEU A 173 -23.20 8.92 10.53
N VAL A 174 -22.87 7.63 10.58
CA VAL A 174 -22.53 6.99 11.84
C VAL A 174 -21.12 6.40 11.88
N GLY A 175 -20.77 5.62 10.87
CA GLY A 175 -19.49 4.94 10.86
C GLY A 175 -18.55 5.41 9.77
N ASP A 176 -17.33 4.88 9.77
CA ASP A 176 -16.34 5.23 8.75
C ASP A 176 -16.37 4.22 7.59
N SER A 177 -15.32 4.25 6.77
CA SER A 177 -15.26 3.37 5.61
C SER A 177 -15.10 1.90 6.02
N ILE A 178 -14.40 1.67 7.12
CA ILE A 178 -14.24 0.31 7.65
C ILE A 178 -15.56 -0.23 8.16
N PHE A 179 -16.32 0.63 8.83
CA PHE A 179 -17.66 0.32 9.30
C PHE A 179 -18.53 -0.16 8.14
N SER A 180 -18.55 0.63 7.06
CA SER A 180 -19.30 0.30 5.86
C SER A 180 -18.78 -0.99 5.22
N HIS A 181 -17.45 -1.10 5.13
CA HIS A 181 -16.81 -2.29 4.56
C HIS A 181 -17.17 -3.56 5.32
N ALA A 182 -17.13 -3.49 6.64
CA ALA A 182 -17.45 -4.64 7.49
C ALA A 182 -18.90 -5.10 7.33
N LEU A 183 -19.83 -4.15 7.28
CA LEU A 183 -21.23 -4.47 7.03
C LEU A 183 -21.39 -5.19 5.71
N GLY A 184 -20.62 -4.76 4.71
CA GLY A 184 -20.65 -5.38 3.40
C GLY A 184 -20.10 -6.79 3.40
N ARG A 185 -18.98 -6.99 4.10
CA ARG A 185 -18.32 -8.29 4.14
C ARG A 185 -19.19 -9.35 4.79
N GLU A 186 -19.88 -8.97 5.86
CA GLU A 186 -20.73 -9.89 6.60
C GLU A 186 -22.09 -10.07 5.93
N LYS A 187 -22.30 -9.36 4.82
CA LYS A 187 -23.57 -9.33 4.10
C LYS A 187 -24.70 -8.82 5.01
N TRP A 188 -24.39 -7.77 5.77
CA TRP A 188 -25.36 -7.15 6.66
C TRP A 188 -25.94 -5.86 6.08
N SER A 189 -25.23 -5.29 5.11
CA SER A 189 -25.62 -4.01 4.50
C SER A 189 -27.04 -4.03 3.94
N ARG A 190 -27.46 -5.20 3.45
CA ARG A 190 -28.78 -5.38 2.87
C ARG A 190 -29.92 -5.08 3.84
N PHE A 191 -29.62 -5.10 5.13
CA PHE A 191 -30.63 -4.88 6.17
C PHE A 191 -30.90 -3.40 6.42
N PHE A 192 -30.06 -2.54 5.86
CA PHE A 192 -30.12 -1.11 6.17
C PHE A 192 -30.68 -0.28 5.03
N VAL A 193 -31.72 0.49 5.32
CA VAL A 193 -32.27 1.45 4.37
C VAL A 193 -32.32 2.84 5.02
N ASN A 194 -31.70 3.82 4.37
CA ASN A 194 -31.66 5.17 4.89
C ASN A 194 -32.35 6.17 3.95
N PHE A 195 -33.48 6.71 4.40
CA PHE A 195 -34.21 7.68 3.60
C PHE A 195 -33.66 9.09 3.84
N VAL A 196 -33.44 9.80 2.74
CA VAL A 196 -32.91 11.15 2.79
C VAL A 196 -33.67 12.06 1.84
N THR A 197 -34.43 13.01 2.39
CA THR A 197 -35.03 14.04 1.55
C THR A 197 -33.89 14.86 0.95
N ARG A 198 -34.06 15.24 -0.31
CA ARG A 198 -32.97 15.78 -1.14
C ARG A 198 -32.05 16.78 -0.45
N PHE A 199 -32.63 17.79 0.19
CA PHE A 199 -31.83 18.89 0.72
C PHE A 199 -31.48 18.75 2.21
N ASP A 200 -31.97 17.70 2.85
CA ASP A 200 -31.79 17.52 4.30
C ASP A 200 -30.34 17.65 4.74
N ILE A 201 -30.08 18.63 5.60
CA ILE A 201 -28.73 18.97 6.03
C ILE A 201 -28.16 17.98 7.05
N VAL A 202 -29.05 17.29 7.78
CA VAL A 202 -28.63 16.44 8.88
C VAL A 202 -27.75 15.25 8.47
N PRO A 203 -28.09 14.55 7.36
CA PRO A 203 -27.13 13.51 6.93
C PRO A 203 -25.77 14.06 6.50
N ARG A 204 -25.67 15.36 6.30
CA ARG A 204 -24.41 15.97 5.84
C ARG A 204 -23.58 16.57 6.96
N ILE A 205 -24.20 16.77 8.13
CA ILE A 205 -23.58 17.52 9.22
C ILE A 205 -22.21 17.01 9.66
N THR A 206 -22.12 15.73 9.99
CA THR A 206 -20.88 15.17 10.53
C THR A 206 -19.78 15.01 9.48
N LEU A 207 -20.07 15.44 8.25
CA LEU A 207 -19.04 15.49 7.21
C LEU A 207 -18.23 16.76 7.36
N ALA A 208 -18.67 17.63 8.27
CA ALA A 208 -17.96 18.86 8.56
C ALA A 208 -17.11 18.71 9.81
N ARG A 209 -15.99 19.44 9.86
CA ARG A 209 -15.21 19.54 11.08
C ARG A 209 -16.07 20.17 12.16
N LYS A 210 -15.98 19.66 13.38
CA LYS A 210 -16.82 20.16 14.46
C LYS A 210 -16.48 21.61 14.79
N ALA A 211 -15.25 22.01 14.47
CA ALA A 211 -14.81 23.39 14.67
C ALA A 211 -15.46 24.30 13.64
N SER A 212 -15.82 23.73 12.49
CA SER A 212 -16.41 24.51 11.41
C SER A 212 -17.85 24.93 11.71
N VAL A 213 -18.51 24.21 12.62
CA VAL A 213 -19.91 24.49 12.93
C VAL A 213 -20.16 24.66 14.43
N GLU A 214 -19.08 24.79 15.19
CA GLU A 214 -19.17 24.86 16.65
C GLU A 214 -20.04 26.03 17.14
N GLU A 215 -20.03 27.12 16.39
CA GLU A 215 -20.74 28.34 16.78
C GLU A 215 -22.21 28.33 16.36
N THR A 216 -22.51 27.69 15.23
CA THR A 216 -23.84 27.76 14.64
C THR A 216 -24.68 26.50 14.82
N LEU A 217 -24.05 25.40 15.19
CA LEU A 217 -24.77 24.13 15.37
C LEU A 217 -25.89 24.17 16.43
N PRO A 218 -25.63 24.78 17.61
CA PRO A 218 -26.71 24.77 18.62
C PRO A 218 -27.97 25.49 18.14
N HIS A 219 -27.80 26.58 17.40
CA HIS A 219 -28.94 27.33 16.89
C HIS A 219 -29.69 26.52 15.83
N VAL A 220 -28.93 25.88 14.94
CA VAL A 220 -29.52 25.11 13.84
C VAL A 220 -30.25 23.87 14.35
N LEU A 221 -29.64 23.18 15.30
CA LEU A 221 -30.27 22.00 15.91
C LEU A 221 -31.60 22.37 16.55
N ALA A 222 -31.66 23.57 17.13
CA ALA A 222 -32.88 24.07 17.74
C ALA A 222 -33.96 24.30 16.68
N GLN A 223 -33.54 24.68 15.48
CA GLN A 223 -34.46 24.90 14.37
C GLN A 223 -34.89 23.57 13.76
N LEU A 224 -34.02 22.58 13.86
CA LEU A 224 -34.30 21.25 13.33
C LEU A 224 -35.25 20.48 14.24
N ASP A 225 -35.23 20.83 15.52
CA ASP A 225 -36.11 20.21 16.51
C ASP A 225 -37.56 20.55 16.20
N PRO A 226 -38.38 19.53 15.90
CA PRO A 226 -39.80 19.73 15.57
C PRO A 226 -40.62 20.24 16.76
N ARG A 227 -40.09 20.08 17.97
CA ARG A 227 -40.81 20.46 19.17
C ARG A 227 -40.33 21.80 19.73
N ASN A 228 -39.45 22.46 18.99
CA ASN A 228 -38.87 23.72 19.45
C ASN A 228 -39.22 24.89 18.53
N SER A 229 -40.42 25.44 18.73
CA SER A 229 -40.82 26.64 18.02
C SER A 229 -40.60 27.86 18.91
N SER A 230 -39.52 27.81 19.70
CA SER A 230 -39.21 28.86 20.65
C SER A 230 -38.13 29.79 20.12
N VAL A 231 -36.96 29.22 19.81
CA VAL A 231 -35.84 30.00 19.29
C VAL A 231 -36.19 30.63 17.95
N GLN A 232 -36.15 31.95 17.89
CA GLN A 232 -36.48 32.67 16.67
C GLN A 232 -35.49 32.36 15.55
N GLU A 233 -36.03 32.09 14.36
CA GLU A 233 -35.21 31.73 13.20
C GLU A 233 -34.24 32.84 12.82
N SER A 234 -32.99 32.46 12.56
CA SER A 234 -31.97 33.42 12.15
C SER A 234 -31.44 33.10 10.76
N GLU A 235 -31.56 34.05 9.85
CA GLU A 235 -31.08 33.90 8.49
C GLU A 235 -29.57 33.66 8.45
N GLN A 236 -28.83 34.52 9.14
CA GLN A 236 -27.38 34.49 9.13
C GLN A 236 -26.81 33.14 9.61
N ARG A 237 -27.24 32.70 10.80
CA ARG A 237 -26.72 31.48 11.40
C ARG A 237 -26.96 30.25 10.53
N ILE A 238 -28.16 30.16 9.96
CA ILE A 238 -28.52 29.03 9.11
C ILE A 238 -27.70 29.03 7.81
N THR A 239 -27.44 30.21 7.27
CA THR A 239 -26.68 30.35 6.04
C THR A 239 -25.21 29.99 6.25
N GLU A 240 -24.61 30.52 7.31
CA GLU A 240 -23.23 30.21 7.66
C GLU A 240 -23.06 28.70 7.87
N PHE A 241 -24.04 28.11 8.55
CA PHE A 241 -24.02 26.69 8.86
C PHE A 241 -24.02 25.85 7.58
N TYR A 242 -24.96 26.14 6.69
CA TYR A 242 -25.06 25.44 5.41
C TYR A 242 -23.76 25.57 4.63
N THR A 243 -23.22 26.78 4.58
CA THR A 243 -22.00 27.07 3.86
C THR A 243 -20.80 26.32 4.44
N SER A 244 -20.75 26.27 5.78
CA SER A 244 -19.67 25.58 6.47
C SER A 244 -19.70 24.06 6.21
N VAL A 245 -20.90 23.49 6.28
CA VAL A 245 -21.08 22.06 6.08
C VAL A 245 -20.75 21.66 4.64
N MET A 246 -21.22 22.46 3.69
CA MET A 246 -21.02 22.17 2.27
C MET A 246 -19.56 22.31 1.86
N ARG A 247 -18.85 23.27 2.45
CA ARG A 247 -17.44 23.49 2.13
C ARG A 247 -16.61 22.27 2.53
N ASP A 248 -16.79 21.83 3.78
CA ASP A 248 -16.07 20.67 4.29
C ASP A 248 -16.50 19.39 3.56
N THR A 249 -17.78 19.31 3.22
CA THR A 249 -18.30 18.15 2.50
C THR A 249 -17.65 18.05 1.12
N SER A 250 -17.48 19.19 0.46
CA SER A 250 -16.86 19.23 -0.86
C SER A 250 -15.41 18.74 -0.81
N THR A 251 -14.71 19.10 0.26
CA THR A 251 -13.32 18.71 0.41
C THR A 251 -13.20 17.20 0.58
N VAL A 252 -14.10 16.62 1.37
CA VAL A 252 -14.14 15.19 1.58
C VAL A 252 -14.45 14.46 0.28
N ALA A 253 -15.48 14.94 -0.42
CA ALA A 253 -15.94 14.31 -1.66
C ALA A 253 -14.89 14.41 -2.76
N ASN A 254 -14.24 15.57 -2.85
CA ASN A 254 -13.20 15.78 -3.86
C ASN A 254 -11.96 14.94 -3.60
N GLN A 255 -11.62 14.75 -2.32
CA GLN A 255 -10.50 13.90 -1.95
C GLN A 255 -10.80 12.46 -2.32
N ALA A 256 -12.04 12.04 -2.08
CA ALA A 256 -12.49 10.69 -2.40
C ALA A 256 -12.44 10.44 -3.91
N VAL A 257 -12.71 11.48 -4.69
CA VAL A 257 -12.64 11.38 -6.14
C VAL A 257 -11.21 11.08 -6.62
N CYS A 258 -10.25 11.81 -6.06
CA CYS A 258 -8.86 11.66 -6.46
C CYS A 258 -8.26 10.35 -5.95
N GLU A 259 -8.78 9.86 -4.83
CA GLU A 259 -8.24 8.66 -4.19
C GLU A 259 -8.81 7.37 -4.79
N LEU A 260 -10.08 7.42 -5.19
CA LEU A 260 -10.76 6.25 -5.72
C LEU A 260 -10.12 5.72 -7.00
N THR A 261 -9.65 6.63 -7.84
CA THR A 261 -9.09 6.25 -9.13
C THR A 261 -7.61 5.92 -9.05
N GLY A 262 -7.06 5.97 -7.83
CA GLY A 262 -5.68 5.57 -7.60
C GLY A 262 -4.63 6.47 -8.23
N SER A 263 -5.06 7.60 -8.77
CA SER A 263 -4.14 8.54 -9.40
C SER A 263 -3.76 9.67 -8.44
N ALA A 264 -2.61 10.29 -8.70
CA ALA A 264 -2.10 11.40 -7.89
C ALA A 264 -2.02 11.05 -6.42
N GLU A 265 -1.32 9.96 -6.11
CA GLU A 265 -1.17 9.51 -4.73
C GLU A 265 -0.06 10.27 -4.02
N ALA A 266 0.89 10.79 -4.81
CA ALA A 266 2.03 11.52 -4.27
C ALA A 266 1.62 12.87 -3.69
N ILE A 267 1.00 13.70 -4.52
CA ILE A 267 0.61 15.04 -4.09
C ILE A 267 -0.47 14.98 -3.01
N LEU A 268 -1.31 13.94 -3.06
CA LEU A 268 -2.34 13.75 -2.06
C LEU A 268 -1.75 13.38 -0.70
N GLU A 269 -0.69 12.58 -0.73
CA GLU A 269 -0.03 12.17 0.52
C GLU A 269 0.65 13.37 1.17
N THR A 270 1.21 14.25 0.33
CA THR A 270 1.83 15.47 0.81
C THR A 270 0.80 16.37 1.47
N LEU A 271 -0.38 16.44 0.86
CA LEU A 271 -1.46 17.29 1.35
C LEU A 271 -2.15 16.72 2.59
N SER A 272 -2.07 15.41 2.75
CA SER A 272 -2.76 14.72 3.85
C SER A 272 -2.33 15.20 5.23
N SER A 273 -1.11 15.74 5.31
CA SER A 273 -0.58 16.26 6.57
C SER A 273 -1.25 17.58 6.95
N PHE A 274 -1.92 18.19 5.99
CA PHE A 274 -2.49 19.52 6.19
C PHE A 274 -4.01 19.52 6.04
N LEU A 275 -4.59 18.34 5.85
CA LEU A 275 -6.03 18.21 5.65
C LEU A 275 -6.71 17.47 6.80
N GLU A 276 -7.81 18.03 7.30
CA GLU A 276 -8.67 17.33 8.25
C GLU A 276 -9.98 16.98 7.56
N LEU A 277 -10.14 15.71 7.21
CA LEU A 277 -11.32 15.26 6.49
C LEU A 277 -12.13 14.29 7.34
N SER A 278 -13.44 14.42 7.28
CA SER A 278 -14.34 13.56 8.04
C SER A 278 -14.18 12.10 7.65
N PRO A 279 -14.11 11.22 8.66
CA PRO A 279 -13.99 9.77 8.41
C PRO A 279 -15.33 9.12 8.07
N TYR A 280 -16.42 9.83 8.32
CA TYR A 280 -17.75 9.24 8.22
C TYR A 280 -18.20 8.97 6.79
N ARG A 281 -18.81 7.81 6.60
CA ARG A 281 -19.22 7.34 5.28
C ARG A 281 -20.62 6.76 5.33
N PRO A 282 -21.34 6.80 4.19
CA PRO A 282 -22.63 6.13 4.08
C PRO A 282 -22.54 4.63 4.37
N ALA A 283 -23.45 4.13 5.21
CA ALA A 283 -23.52 2.71 5.49
C ALA A 283 -24.93 2.20 5.21
N GLY A 284 -25.04 1.23 4.30
CA GLY A 284 -26.32 0.68 3.93
C GLY A 284 -26.90 1.36 2.70
N THR A 285 -28.08 0.92 2.28
CA THR A 285 -28.76 1.53 1.14
C THR A 285 -29.27 2.92 1.49
N PHE A 286 -29.07 3.87 0.58
CA PHE A 286 -29.62 5.20 0.73
C PHE A 286 -30.70 5.46 -0.32
N VAL A 287 -31.80 6.05 0.12
CA VAL A 287 -32.88 6.43 -0.79
C VAL A 287 -33.08 7.94 -0.79
N PHE A 288 -32.70 8.59 -1.89
CA PHE A 288 -32.88 10.02 -2.03
C PHE A 288 -34.27 10.31 -2.58
N SER A 289 -34.90 11.38 -2.09
CA SER A 289 -36.28 11.67 -2.44
C SER A 289 -36.47 13.09 -2.98
N THR A 290 -37.24 13.21 -4.04
CA THR A 290 -37.69 14.49 -4.56
C THR A 290 -39.21 14.48 -4.67
N GLU A 291 -39.75 15.52 -5.30
CA GLU A 291 -41.20 15.61 -5.49
C GLU A 291 -41.72 14.49 -6.39
N LYS A 292 -40.88 14.03 -7.31
CA LYS A 292 -41.32 13.09 -8.32
C LYS A 292 -40.54 11.78 -8.35
N ARG A 293 -39.50 11.68 -7.53
CA ARG A 293 -38.62 10.51 -7.61
C ARG A 293 -38.13 9.93 -6.29
N LEU A 294 -37.95 8.61 -6.30
CA LEU A 294 -37.22 7.90 -5.25
C LEU A 294 -36.04 7.19 -5.88
N VAL A 295 -34.83 7.51 -5.44
CA VAL A 295 -33.62 6.92 -6.03
C VAL A 295 -32.83 6.13 -4.99
N ALA A 296 -32.79 4.81 -5.17
CA ALA A 296 -32.07 3.94 -4.26
C ALA A 296 -30.63 3.73 -4.71
N VAL A 297 -29.69 3.86 -3.78
CA VAL A 297 -28.28 3.68 -4.08
C VAL A 297 -27.61 2.78 -3.02
N ASN A 298 -26.81 1.81 -3.48
CA ASN A 298 -26.10 0.91 -2.57
C ASN A 298 -24.65 1.33 -2.35
N ASN A 299 -23.97 1.73 -3.41
CA ASN A 299 -22.55 2.06 -3.37
C ASN A 299 -22.24 3.26 -2.46
N SER A 300 -21.49 3.01 -1.40
CA SER A 300 -21.18 4.03 -0.41
C SER A 300 -20.44 5.22 -1.00
N ASP A 301 -19.49 4.96 -1.91
CA ASP A 301 -18.74 6.02 -2.56
C ASP A 301 -19.66 6.92 -3.38
N ALA A 302 -20.58 6.29 -4.10
CA ALA A 302 -21.53 7.01 -4.93
C ALA A 302 -22.44 7.89 -4.08
N ILE A 303 -22.87 7.37 -2.94
CA ILE A 303 -23.74 8.11 -2.03
C ILE A 303 -23.03 9.32 -1.46
N LEU A 304 -21.75 9.16 -1.13
CA LEU A 304 -20.94 10.25 -0.58
C LEU A 304 -20.93 11.45 -1.53
N GLN A 305 -20.71 11.18 -2.81
CA GLN A 305 -20.72 12.22 -3.82
C GLN A 305 -22.10 12.86 -3.93
N MET A 306 -23.14 12.03 -3.91
CA MET A 306 -24.51 12.52 -4.05
C MET A 306 -24.93 13.38 -2.87
N LEU A 307 -24.37 13.10 -1.70
CA LEU A 307 -24.68 13.91 -0.51
C LEU A 307 -24.25 15.36 -0.70
N PHE A 308 -23.27 15.59 -1.58
CA PHE A 308 -22.86 16.95 -1.90
C PHE A 308 -23.67 17.53 -3.05
N TYR A 309 -23.75 16.78 -4.15
CA TYR A 309 -24.27 17.32 -5.41
C TYR A 309 -25.80 17.34 -5.51
N THR A 310 -26.49 16.71 -4.57
CA THR A 310 -27.96 16.73 -4.59
C THR A 310 -28.52 17.92 -3.81
N CYS A 311 -27.68 18.58 -3.02
CA CYS A 311 -28.15 19.71 -2.24
CA CYS A 311 -28.09 19.70 -2.20
C CYS A 311 -27.47 21.01 -2.68
N GLN A 312 -27.42 21.20 -3.99
CA GLN A 312 -26.87 22.43 -4.56
C GLN A 312 -28.00 23.25 -5.19
N ALA A 313 -27.71 24.49 -5.52
CA ALA A 313 -28.71 25.35 -6.14
C ALA A 313 -28.78 25.09 -7.64
N SER A 314 -29.97 25.21 -8.20
CA SER A 314 -30.16 25.07 -9.65
C SER A 314 -29.66 26.33 -10.34
N ASP A 315 -30.37 27.44 -10.12
CA ASP A 315 -29.91 28.74 -10.57
C ASP A 315 -28.91 29.29 -9.56
N GLU A 316 -28.25 30.38 -9.92
CA GLU A 316 -27.42 31.11 -8.97
C GLU A 316 -28.32 32.06 -8.18
N GLN A 317 -29.60 32.02 -8.50
CA GLN A 317 -30.61 32.82 -7.83
C GLN A 317 -31.22 32.05 -6.66
N GLU A 318 -31.01 30.73 -6.66
CA GLU A 318 -31.59 29.87 -5.63
C GLU A 318 -30.67 29.70 -4.42
N TRP A 319 -29.43 30.17 -4.54
CA TRP A 319 -28.43 29.98 -3.48
C TRP A 319 -28.87 30.52 -2.13
N SER A 320 -29.65 31.60 -2.15
CA SER A 320 -30.15 32.20 -0.92
C SER A 320 -31.27 31.36 -0.30
N LEU A 321 -31.90 30.53 -1.11
CA LEU A 321 -33.05 29.74 -0.68
C LEU A 321 -32.65 28.38 -0.11
N ILE A 322 -31.60 27.80 -0.65
CA ILE A 322 -31.15 26.45 -0.29
C ILE A 322 -30.89 26.23 1.22
N PRO A 323 -30.23 27.17 1.92
CA PRO A 323 -29.97 26.91 3.35
C PRO A 323 -31.24 26.66 4.16
N PHE A 324 -32.31 27.38 3.83
CA PHE A 324 -33.57 27.25 4.54
C PHE A 324 -34.29 25.97 4.15
N ARG A 325 -34.13 25.57 2.89
CA ARG A 325 -34.74 24.34 2.41
C ARG A 325 -34.04 23.13 3.02
N SER A 326 -32.76 23.29 3.35
CA SER A 326 -31.98 22.21 3.96
C SER A 326 -32.45 21.93 5.37
N ILE A 327 -33.10 22.92 5.99
CA ILE A 327 -33.70 22.74 7.30
C ILE A 327 -35.08 22.11 7.16
N ARG A 328 -35.90 22.70 6.29
CA ARG A 328 -37.28 22.27 6.11
C ARG A 328 -37.42 20.82 5.62
N ASP A 329 -36.46 20.36 4.81
CA ASP A 329 -36.52 19.02 4.26
C ASP A 329 -36.36 17.94 5.33
N HIS A 330 -35.82 18.34 6.48
CA HIS A 330 -35.68 17.40 7.60
C HIS A 330 -37.04 17.11 8.23
N HIS A 331 -38.01 17.98 7.96
CA HIS A 331 -39.36 17.82 8.49
C HIS A 331 -40.34 17.40 7.39
N SER A 332 -39.80 16.91 6.28
CA SER A 332 -40.64 16.56 5.13
C SER A 332 -40.75 15.06 4.90
N TYR A 333 -40.43 14.28 5.93
CA TYR A 333 -40.47 12.82 5.82
C TYR A 333 -41.89 12.30 5.96
N GLU A 334 -42.74 13.08 6.62
CA GLU A 334 -44.16 12.78 6.65
C GLU A 334 -44.70 12.77 5.22
N GLU A 335 -44.35 13.80 4.48
CA GLU A 335 -44.75 13.93 3.07
C GLU A 335 -44.17 12.80 2.23
N LEU A 336 -42.90 12.45 2.50
CA LEU A 336 -42.23 11.38 1.80
C LEU A 336 -43.01 10.08 1.93
N VAL A 337 -43.32 9.71 3.17
CA VAL A 337 -43.98 8.44 3.47
C VAL A 337 -45.39 8.37 2.89
N GLN A 338 -46.09 9.50 2.88
CA GLN A 338 -47.46 9.53 2.38
C GLN A 338 -47.53 9.43 0.86
N SER A 339 -46.50 9.92 0.17
CA SER A 339 -46.52 9.98 -1.29
C SER A 339 -45.59 8.96 -1.93
N MET A 340 -45.20 7.93 -1.17
CA MET A 340 -44.26 6.91 -1.65
C MET A 340 -44.69 6.23 -2.95
N GLY A 341 -45.90 5.68 -2.95
CA GLY A 341 -46.39 4.91 -4.08
C GLY A 341 -46.67 5.74 -5.33
N MET A 342 -46.71 7.05 -5.17
CA MET A 342 -47.00 7.95 -6.28
C MET A 342 -45.72 8.46 -6.96
N LYS A 343 -44.57 8.01 -6.47
CA LYS A 343 -43.29 8.47 -7.00
C LYS A 343 -42.61 7.43 -7.87
N LEU A 344 -41.86 7.90 -8.85
CA LEU A 344 -41.09 7.02 -9.72
C LEU A 344 -39.86 6.49 -8.98
N PHE A 345 -39.67 5.17 -9.02
CA PHE A 345 -38.53 4.55 -8.36
C PHE A 345 -37.52 4.00 -9.36
N ASN A 346 -36.24 4.08 -9.00
CA ASN A 346 -35.19 3.41 -9.75
C ASN A 346 -34.00 3.07 -8.86
N HIS A 347 -33.30 2.00 -9.23
CA HIS A 347 -32.10 1.56 -8.52
C HIS A 347 -30.87 2.04 -9.29
N LEU A 348 -30.17 3.02 -8.73
CA LEU A 348 -29.09 3.70 -9.43
C LEU A 348 -27.97 2.75 -9.86
N ASP A 349 -27.57 1.85 -8.96
CA ASP A 349 -26.47 0.94 -9.22
C ASP A 349 -26.76 -0.01 -10.38
N GLY A 350 -28.02 -0.37 -10.53
CA GLY A 350 -28.42 -1.31 -11.56
C GLY A 350 -28.85 -0.67 -12.86
N GLU A 351 -28.90 0.66 -12.88
CA GLU A 351 -29.32 1.41 -14.06
C GLU A 351 -28.32 1.27 -15.20
N ASN A 352 -28.85 1.19 -16.42
CA ASN A 352 -28.01 1.24 -17.61
C ASN A 352 -27.63 2.68 -17.91
N SER A 353 -28.47 3.60 -17.45
CA SER A 353 -28.23 5.03 -17.59
C SER A 353 -28.69 5.77 -16.34
N ILE A 354 -27.79 6.53 -15.73
CA ILE A 354 -28.08 7.20 -14.46
C ILE A 354 -28.38 8.68 -14.65
N GLU A 355 -28.42 9.13 -15.90
CA GLU A 355 -28.57 10.55 -16.20
C GLU A 355 -29.92 11.12 -15.73
N SER A 356 -31.00 10.39 -16.02
CA SER A 356 -32.34 10.84 -15.68
C SER A 356 -32.54 11.02 -14.18
N SER A 357 -32.15 10.01 -13.41
CA SER A 357 -32.30 10.02 -11.96
C SER A 357 -31.58 11.20 -11.33
N LEU A 358 -30.31 11.36 -11.67
CA LEU A 358 -29.47 12.38 -11.06
C LEU A 358 -29.84 13.79 -11.50
N ASN A 359 -30.41 13.91 -12.70
CA ASN A 359 -30.88 15.21 -13.18
C ASN A 359 -32.04 15.72 -12.35
N ASP A 360 -32.93 14.81 -11.94
CA ASP A 360 -34.05 15.16 -11.09
C ASP A 360 -33.58 15.47 -9.68
N LEU A 361 -32.42 14.91 -9.31
CA LEU A 361 -31.82 15.18 -8.01
C LEU A 361 -30.94 16.43 -8.09
N GLY A 362 -30.96 17.11 -9.24
CA GLY A 362 -30.23 18.35 -9.42
C GLY A 362 -28.73 18.18 -9.49
N VAL A 363 -28.27 16.96 -9.74
CA VAL A 363 -26.85 16.69 -9.83
C VAL A 363 -26.28 17.24 -11.14
N SER A 364 -25.22 18.05 -11.02
CA SER A 364 -24.57 18.65 -12.18
C SER A 364 -23.94 17.60 -13.09
N THR A 365 -23.51 18.04 -14.26
CA THR A 365 -22.87 17.15 -15.23
C THR A 365 -21.58 16.55 -14.66
N ARG A 366 -20.78 17.39 -14.03
CA ARG A 366 -19.51 16.95 -13.46
C ARG A 366 -19.75 16.02 -12.27
N GLY A 367 -20.76 16.34 -11.47
CA GLY A 367 -21.12 15.53 -10.33
C GLY A 367 -21.59 14.14 -10.74
N ARG A 368 -22.28 14.08 -11.87
CA ARG A 368 -22.76 12.81 -12.42
C ARG A 368 -21.59 11.91 -12.81
N GLN A 369 -20.54 12.51 -13.35
CA GLN A 369 -19.37 11.75 -13.78
C GLN A 369 -18.58 11.23 -12.59
N TYR A 370 -18.62 11.97 -11.48
CA TYR A 370 -17.99 11.52 -10.24
C TYR A 370 -18.75 10.33 -9.65
N VAL A 371 -20.08 10.41 -9.71
CA VAL A 371 -20.94 9.32 -9.26
C VAL A 371 -20.72 8.09 -10.12
N GLN A 372 -20.67 8.30 -11.44
CA GLN A 372 -20.46 7.22 -12.39
C GLN A 372 -19.15 6.49 -12.15
N ALA A 373 -18.10 7.26 -11.85
CA ALA A 373 -16.77 6.72 -11.61
C ALA A 373 -16.78 5.82 -10.37
N ALA A 374 -17.51 6.25 -9.35
CA ALA A 374 -17.63 5.46 -8.12
C ALA A 374 -18.34 4.15 -8.40
N LEU A 375 -19.37 4.20 -9.25
CA LEU A 375 -20.12 3.01 -9.62
C LEU A 375 -19.31 2.09 -10.51
N GLU A 376 -18.51 2.68 -11.40
CA GLU A 376 -17.66 1.90 -12.30
C GLU A 376 -16.56 1.18 -11.53
N GLU A 377 -16.07 1.79 -10.47
CA GLU A 377 -15.00 1.21 -9.67
C GLU A 377 -15.46 -0.07 -8.99
N GLU A 378 -16.71 -0.09 -8.55
CA GLU A 378 -17.29 -1.29 -7.96
C GLU A 378 -17.40 -2.39 -9.01
N LYS A 379 -17.73 -2.01 -10.23
CA LYS A 379 -17.81 -2.96 -11.33
C LYS A 379 -16.42 -3.54 -11.63
N LYS A 380 -15.39 -2.72 -11.44
CA LYS A 380 -14.02 -3.18 -11.59
C LYS A 380 -13.69 -4.25 -10.55
N ARG A 381 -14.12 -3.99 -9.32
CA ARG A 381 -13.87 -4.91 -8.21
C ARG A 381 -14.51 -6.28 -8.47
N VAL A 382 -15.71 -6.27 -9.02
CA VAL A 382 -16.40 -7.50 -9.39
C VAL A 382 -15.62 -8.25 -10.47
N GLU A 383 -15.14 -7.51 -11.46
CA GLU A 383 -14.35 -8.08 -12.54
C GLU A 383 -13.06 -8.70 -12.01
N ASN A 384 -12.40 -8.00 -11.09
CA ASN A 384 -11.17 -8.48 -10.49
C ASN A 384 -11.36 -9.82 -9.78
N GLN A 385 -12.50 -9.97 -9.10
CA GLN A 385 -12.79 -11.21 -8.41
C GLN A 385 -13.02 -12.36 -9.40
N LYS A 386 -13.67 -12.04 -10.52
CA LYS A 386 -13.91 -13.03 -11.57
C LYS A 386 -12.59 -13.55 -12.13
N LYS A 387 -11.62 -12.65 -12.27
CA LYS A 387 -10.30 -13.01 -12.77
C LYS A 387 -9.58 -13.94 -11.79
N ILE A 388 -9.74 -13.65 -10.51
CA ILE A 388 -9.11 -14.46 -9.46
C ILE A 388 -9.67 -15.88 -9.45
N ILE A 389 -10.99 -15.99 -9.62
CA ILE A 389 -11.66 -17.29 -9.65
C ILE A 389 -11.15 -18.14 -10.82
N GLN A 390 -10.97 -17.50 -11.97
CA GLN A 390 -10.48 -18.20 -13.16
C GLN A 390 -9.07 -18.75 -12.93
N VAL A 391 -8.24 -17.99 -12.23
CA VAL A 391 -6.87 -18.39 -11.96
C VAL A 391 -6.80 -19.59 -11.02
N ILE A 392 -7.46 -19.47 -9.87
CA ILE A 392 -7.34 -20.46 -8.81
C ILE A 392 -8.12 -21.74 -9.09
N GLN A 393 -8.89 -21.76 -10.17
CA GLN A 393 -9.62 -22.96 -10.57
C GLN A 393 -8.94 -23.68 -11.72
N GLN A 394 -7.93 -23.03 -12.29
CA GLN A 394 -7.15 -23.64 -13.37
C GLN A 394 -6.39 -24.86 -12.88
N GLU A 395 -6.23 -25.84 -13.76
CA GLU A 395 -5.52 -27.07 -13.42
C GLU A 395 -4.06 -26.77 -13.12
N ARG A 396 -3.45 -25.90 -13.94
CA ARG A 396 -2.04 -25.56 -13.81
C ARG A 396 -1.72 -24.92 -12.45
N PHE A 397 -2.71 -24.28 -11.85
CA PHE A 397 -2.53 -23.67 -10.54
C PHE A 397 -2.67 -24.72 -9.44
N LEU A 398 -3.74 -25.50 -9.50
CA LEU A 398 -4.04 -26.50 -8.48
C LEU A 398 -3.00 -27.61 -8.44
N LYS A 399 -2.40 -27.90 -9.59
CA LYS A 399 -1.38 -28.94 -9.68
C LYS A 399 -0.18 -28.64 -8.78
N LYS A 400 0.13 -27.36 -8.61
CA LYS A 400 1.25 -26.94 -7.78
C LYS A 400 1.05 -27.35 -6.32
N LEU A 401 -0.16 -27.11 -5.80
CA LEU A 401 -0.49 -27.49 -4.43
C LEU A 401 -0.59 -29.01 -4.32
N ALA A 402 -1.15 -29.64 -5.34
CA ALA A 402 -1.30 -31.09 -5.36
C ALA A 402 0.05 -31.79 -5.35
N TRP A 403 1.00 -31.24 -6.09
CA TRP A 403 2.33 -31.84 -6.17
C TRP A 403 3.04 -31.83 -4.83
N ILE A 404 2.97 -30.69 -4.14
CA ILE A 404 3.56 -30.58 -2.81
C ILE A 404 2.92 -31.59 -1.87
N GLU A 405 1.61 -31.73 -1.98
CA GLU A 405 0.83 -32.54 -1.07
C GLU A 405 0.94 -34.04 -1.36
N ASP A 406 0.88 -34.40 -2.63
CA ASP A 406 0.78 -35.82 -3.00
C ASP A 406 2.10 -36.45 -3.42
N GLU A 407 3.08 -35.63 -3.81
CA GLU A 407 4.35 -36.17 -4.26
C GLU A 407 5.52 -35.78 -3.36
N TYR A 408 5.65 -34.50 -3.06
CA TYR A 408 6.80 -34.01 -2.31
C TYR A 408 6.80 -34.43 -0.85
N LYS A 409 5.68 -34.21 -0.15
CA LYS A 409 5.57 -34.57 1.25
C LYS A 409 5.73 -36.07 1.53
N PRO A 410 5.05 -36.95 0.76
CA PRO A 410 5.24 -38.38 1.03
C PRO A 410 6.67 -38.88 0.76
N LYS A 411 7.30 -38.35 -0.28
CA LYS A 411 8.68 -38.75 -0.61
C LYS A 411 9.64 -38.33 0.49
N CYS A 412 9.41 -37.16 1.06
CA CYS A 412 10.26 -36.65 2.14
C CYS A 412 10.02 -37.43 3.44
N GLN A 413 8.79 -37.88 3.64
CA GLN A 413 8.48 -38.72 4.80
C GLN A 413 9.18 -40.06 4.67
N ALA A 414 9.27 -40.57 3.44
CA ALA A 414 9.92 -41.84 3.17
C ALA A 414 11.42 -41.76 3.41
N HIS A 415 11.97 -40.56 3.27
CA HIS A 415 13.39 -40.32 3.55
C HIS A 415 13.61 -40.07 5.04
N LYS A 416 12.51 -40.03 5.79
CA LYS A 416 12.50 -40.00 7.25
C LYS A 416 13.00 -38.70 7.86
N ASN A 417 13.01 -37.61 7.10
CA ASN A 417 13.38 -36.32 7.65
C ASN A 417 12.26 -35.27 7.53
N GLY A 418 11.34 -35.50 6.61
CA GLY A 418 10.21 -34.59 6.43
C GLY A 418 10.50 -33.51 5.41
N TYR A 419 9.45 -32.87 4.91
CA TYR A 419 9.64 -31.93 3.79
C TYR A 419 10.10 -30.55 4.26
N TYR A 420 9.96 -30.26 5.55
CA TYR A 420 10.54 -29.02 6.08
C TYR A 420 12.06 -29.12 6.06
N ASP A 421 12.58 -30.18 6.69
CA ASP A 421 14.02 -30.38 6.77
C ASP A 421 14.64 -30.66 5.41
N SER A 422 13.91 -31.38 4.57
CA SER A 422 14.40 -31.69 3.23
C SER A 422 14.55 -30.42 2.40
N PHE A 423 13.55 -29.53 2.51
CA PHE A 423 13.60 -28.25 1.83
C PHE A 423 14.75 -27.41 2.35
N LYS A 424 14.93 -27.43 3.67
CA LYS A 424 15.91 -26.58 4.33
C LYS A 424 17.34 -26.89 3.88
N VAL A 425 17.68 -28.17 3.81
CA VAL A 425 19.01 -28.57 3.35
C VAL A 425 19.08 -28.59 1.82
N SER A 426 17.95 -28.90 1.19
CA SER A 426 17.81 -28.87 -0.27
C SER A 426 18.93 -29.62 -1.00
N ASN A 427 19.03 -30.93 -0.76
CA ASN A 427 20.10 -31.73 -1.35
C ASN A 427 19.73 -32.33 -2.70
N GLU A 428 18.43 -32.38 -3.00
CA GLU A 428 17.96 -33.04 -4.21
C GLU A 428 17.24 -32.07 -5.17
N GLU A 429 17.07 -32.51 -6.41
CA GLU A 429 16.37 -31.73 -7.43
C GLU A 429 14.94 -31.43 -7.02
N ASN A 430 14.31 -32.37 -6.33
CA ASN A 430 12.93 -32.22 -5.90
C ASN A 430 12.74 -31.08 -4.92
N ASP A 431 13.78 -30.78 -4.14
CA ASP A 431 13.73 -29.66 -3.20
C ASP A 431 13.77 -28.33 -3.95
N PHE A 432 14.53 -28.28 -5.03
CA PHE A 432 14.59 -27.09 -5.87
C PHE A 432 13.29 -26.95 -6.66
N LYS A 433 12.66 -28.08 -6.97
CA LYS A 433 11.37 -28.07 -7.66
C LYS A 433 10.30 -27.54 -6.72
N ALA A 434 10.41 -27.91 -5.45
CA ALA A 434 9.47 -27.45 -4.43
C ALA A 434 9.62 -25.94 -4.23
N ASN A 435 10.86 -25.46 -4.31
CA ASN A 435 11.13 -24.03 -4.14
C ASN A 435 10.50 -23.21 -5.26
N VAL A 436 10.54 -23.73 -6.47
CA VAL A 436 9.93 -23.07 -7.61
C VAL A 436 8.43 -22.92 -7.41
N LYS A 437 7.78 -24.01 -7.02
CA LYS A 437 6.33 -24.00 -6.79
C LYS A 437 5.97 -23.13 -5.58
N ARG A 438 6.89 -23.07 -4.61
CA ARG A 438 6.70 -22.17 -3.47
C ARG A 438 6.71 -20.72 -3.94
N ALA A 439 7.63 -20.41 -4.85
CA ALA A 439 7.77 -19.05 -5.37
C ALA A 439 6.58 -18.68 -6.26
N GLU A 440 6.14 -19.62 -7.07
CA GLU A 440 5.02 -19.39 -7.99
C GLU A 440 3.72 -19.14 -7.24
N LEU A 441 3.48 -19.94 -6.21
CA LEU A 441 2.29 -19.77 -5.38
C LEU A 441 2.33 -18.45 -4.64
N ALA A 442 3.53 -18.05 -4.22
CA ALA A 442 3.72 -16.78 -3.52
C ALA A 442 3.29 -15.61 -4.40
N GLY A 443 3.61 -15.69 -5.69
CA GLY A 443 3.26 -14.63 -6.63
C GLY A 443 1.76 -14.44 -6.79
N VAL A 444 1.03 -15.54 -6.82
CA VAL A 444 -0.42 -15.49 -7.01
C VAL A 444 -1.13 -14.94 -5.78
N PHE A 445 -0.70 -15.38 -4.59
CA PHE A 445 -1.32 -14.92 -3.36
C PHE A 445 -0.90 -13.52 -2.97
N ASP A 446 0.31 -13.10 -3.38
CA ASP A 446 0.75 -11.73 -3.18
C ASP A 446 -0.06 -10.79 -4.08
N GLU A 447 -0.41 -11.27 -5.26
CA GLU A 447 -1.17 -10.47 -6.21
C GLU A 447 -2.58 -10.21 -5.70
N VAL A 448 -3.19 -11.23 -5.11
CA VAL A 448 -4.51 -11.10 -4.50
C VAL A 448 -4.43 -10.13 -3.32
N LEU A 449 -3.40 -10.29 -2.50
CA LEU A 449 -3.18 -9.42 -1.35
C LEU A 449 -3.03 -7.97 -1.78
N GLY A 450 -2.36 -7.74 -2.90
CA GLY A 450 -2.17 -6.41 -3.43
C GLY A 450 -3.49 -5.74 -3.78
N LEU A 451 -4.38 -6.51 -4.40
CA LEU A 451 -5.71 -6.01 -4.75
C LEU A 451 -6.53 -5.68 -3.50
N LEU A 452 -6.44 -6.56 -2.50
CA LEU A 452 -7.13 -6.34 -1.23
C LEU A 452 -6.68 -5.06 -0.53
N LYS A 453 -5.36 -4.88 -0.47
CA LYS A 453 -4.78 -3.69 0.16
C LYS A 453 -5.25 -2.40 -0.50
N LYS A 454 -5.46 -2.45 -1.81
CA LYS A 454 -5.87 -1.27 -2.56
C LYS A 454 -7.40 -1.18 -2.70
N CYS A 455 -8.11 -2.01 -1.95
CA CYS A 455 -9.57 -2.06 -1.97
C CYS A 455 -10.10 -2.24 -3.39
N GLN A 456 -9.52 -3.18 -4.13
CA GLN A 456 -9.92 -3.42 -5.51
C GLN A 456 -10.62 -4.76 -5.67
N LEU A 457 -11.11 -5.29 -4.55
CA LEU A 457 -11.96 -6.47 -4.54
C LEU A 457 -13.24 -6.16 -3.78
N PRO A 458 -14.32 -6.90 -4.03
CA PRO A 458 -15.59 -6.62 -3.33
C PRO A 458 -15.44 -6.80 -1.83
N ASP A 459 -16.25 -6.09 -1.05
CA ASP A 459 -16.19 -6.16 0.42
C ASP A 459 -16.32 -7.59 0.94
N GLU A 460 -17.08 -8.42 0.24
CA GLU A 460 -17.37 -9.78 0.68
C GLU A 460 -16.20 -10.77 0.52
N PHE A 461 -15.13 -10.33 -0.16
CA PHE A 461 -14.08 -11.25 -0.58
C PHE A 461 -13.44 -12.06 0.56
N GLU A 462 -13.03 -11.38 1.63
CA GLU A 462 -12.35 -12.04 2.74
C GLU A 462 -13.27 -12.97 3.53
N GLY A 463 -14.56 -12.93 3.22
CA GLY A 463 -15.53 -13.80 3.90
C GLY A 463 -15.96 -14.95 3.01
N ASP A 464 -15.53 -14.94 1.76
CA ASP A 464 -15.85 -16.00 0.81
C ASP A 464 -15.21 -17.32 1.24
N ILE A 465 -16.05 -18.32 1.49
CA ILE A 465 -15.58 -19.58 2.07
C ILE A 465 -14.72 -20.39 1.09
N ASP A 466 -14.94 -20.22 -0.21
CA ASP A 466 -14.12 -20.89 -1.20
C ASP A 466 -12.69 -20.35 -1.16
N TRP A 467 -12.58 -19.03 -1.02
CA TRP A 467 -11.27 -18.39 -0.90
C TRP A 467 -10.59 -18.81 0.39
N ILE A 468 -11.35 -18.80 1.47
CA ILE A 468 -10.84 -19.17 2.78
C ILE A 468 -10.32 -20.60 2.78
N LYS A 469 -11.06 -21.50 2.14
CA LYS A 469 -10.66 -22.90 2.00
C LYS A 469 -9.31 -23.02 1.31
N LEU A 470 -9.18 -22.37 0.15
CA LEU A 470 -7.96 -22.43 -0.64
C LEU A 470 -6.78 -21.80 0.08
N ALA A 471 -6.99 -20.60 0.62
CA ALA A 471 -5.94 -19.86 1.31
C ALA A 471 -5.47 -20.60 2.56
N THR A 472 -6.39 -21.31 3.20
CA THR A 472 -6.05 -22.12 4.37
C THR A 472 -5.23 -23.33 3.96
N ARG A 473 -5.64 -23.97 2.86
CA ARG A 473 -4.90 -25.11 2.31
C ARG A 473 -3.50 -24.65 1.90
N TYR A 474 -3.41 -23.46 1.35
CA TYR A 474 -2.14 -22.88 0.93
C TYR A 474 -1.23 -22.62 2.12
N ARG A 475 -1.78 -21.98 3.15
CA ARG A 475 -1.00 -21.61 4.32
C ARG A 475 -0.44 -22.83 5.06
N ARG A 476 -1.29 -23.83 5.26
CA ARG A 476 -0.88 -25.03 5.98
C ARG A 476 0.18 -25.81 5.21
N LEU A 477 0.06 -25.83 3.89
CA LEU A 477 0.98 -26.59 3.05
C LEU A 477 2.32 -25.88 2.84
N VAL A 478 2.28 -24.58 2.57
CA VAL A 478 3.44 -23.89 2.02
C VAL A 478 4.14 -22.94 2.99
N GLU A 479 3.45 -22.44 4.01
CA GLU A 479 4.13 -21.59 5.00
C GLU A 479 5.32 -22.29 5.68
N PRO A 480 5.20 -23.60 6.00
CA PRO A 480 6.41 -24.27 6.49
C PRO A 480 7.60 -24.14 5.53
N LEU A 481 7.33 -24.15 4.22
CA LEU A 481 8.39 -24.06 3.22
C LEU A 481 8.98 -22.65 3.15
N ASP A 482 8.13 -21.64 3.34
CA ASP A 482 8.61 -20.25 3.38
C ASP A 482 9.38 -19.99 4.67
N ILE A 483 9.02 -20.69 5.73
CA ILE A 483 9.75 -20.63 6.99
C ILE A 483 11.12 -21.27 6.81
N ALA A 484 11.15 -22.40 6.11
CA ALA A 484 12.40 -23.11 5.82
C ALA A 484 13.32 -22.25 4.98
N ASN A 485 12.76 -21.64 3.93
CA ASN A 485 13.49 -20.75 3.04
C ASN A 485 14.14 -19.61 3.81
N TYR A 486 13.39 -19.06 4.76
CA TYR A 486 13.84 -17.96 5.61
C TYR A 486 15.08 -18.35 6.41
N HIS A 487 15.01 -19.47 7.09
CA HIS A 487 16.11 -19.92 7.95
C HIS A 487 17.25 -20.55 7.14
N ARG A 488 16.92 -21.12 5.99
CA ARG A 488 17.92 -21.68 5.09
C ARG A 488 18.93 -20.62 4.67
N HIS A 489 18.43 -19.42 4.42
CA HIS A 489 19.28 -18.31 4.00
C HIS A 489 19.68 -17.44 5.18
N LEU A 490 19.57 -18.00 6.38
CA LEU A 490 20.04 -17.36 7.61
C LEU A 490 19.46 -15.96 7.82
N LYS A 491 18.22 -15.76 7.38
CA LYS A 491 17.56 -14.46 7.55
C LYS A 491 17.17 -14.22 9.00
N ASN A 492 17.17 -15.28 9.79
CA ASN A 492 16.87 -15.18 11.21
C ASN A 492 17.99 -14.48 11.98
N GLU A 493 19.20 -14.58 11.45
CA GLU A 493 20.37 -13.95 12.06
C GLU A 493 20.53 -12.53 11.55
N ASP A 494 20.19 -12.31 10.29
CA ASP A 494 20.31 -11.01 9.65
C ASP A 494 19.16 -10.09 10.05
N THR A 495 17.94 -10.52 9.75
CA THR A 495 16.76 -9.71 10.00
C THR A 495 16.24 -9.89 11.43
N GLY A 496 16.10 -11.14 11.84
CA GLY A 496 15.58 -11.46 13.16
C GLY A 496 14.58 -12.59 13.08
N PRO A 497 13.88 -12.86 14.19
CA PRO A 497 12.85 -13.92 14.25
C PRO A 497 11.81 -13.79 13.14
N TYR A 498 11.44 -14.93 12.56
CA TYR A 498 10.46 -14.98 11.48
C TYR A 498 9.13 -14.34 11.88
N MET A 499 8.65 -14.69 13.07
CA MET A 499 7.37 -14.20 13.56
C MET A 499 7.36 -12.70 13.76
N LYS A 500 8.52 -12.11 13.99
CA LYS A 500 8.61 -10.68 14.30
C LYS A 500 8.77 -9.83 13.04
N ARG A 501 9.75 -10.17 12.21
CA ARG A 501 10.09 -9.31 11.07
C ARG A 501 10.07 -10.02 9.72
N GLY A 502 9.75 -11.31 9.71
CA GLY A 502 9.90 -12.10 8.50
C GLY A 502 8.63 -12.69 7.89
N ARG A 503 7.57 -12.81 8.67
CA ARG A 503 6.37 -13.50 8.20
C ARG A 503 5.64 -12.73 7.11
N PRO A 504 5.49 -13.35 5.93
CA PRO A 504 4.76 -12.78 4.79
C PRO A 504 3.31 -12.43 5.15
N THR A 505 2.87 -11.25 4.76
CA THR A 505 1.56 -10.75 5.11
C THR A 505 0.43 -11.62 4.58
N ARG A 506 0.67 -12.27 3.44
CA ARG A 506 -0.32 -13.15 2.82
C ARG A 506 -0.76 -14.28 3.75
N TYR A 507 0.17 -14.78 4.55
CA TYR A 507 -0.13 -15.85 5.51
C TYR A 507 -0.92 -15.31 6.70
N ILE A 508 -0.59 -14.08 7.10
CA ILE A 508 -1.29 -13.42 8.19
C ILE A 508 -2.75 -13.17 7.80
N TYR A 509 -2.96 -12.74 6.57
CA TYR A 509 -4.30 -12.56 6.02
C TYR A 509 -5.07 -13.87 5.98
N ALA A 510 -4.40 -14.92 5.54
CA ALA A 510 -5.02 -16.24 5.43
C ALA A 510 -5.48 -16.74 6.79
N GLN A 511 -4.59 -16.63 7.78
CA GLN A 511 -4.90 -17.05 9.14
C GLN A 511 -6.11 -16.33 9.71
N ARG A 512 -6.11 -15.00 9.61
CA ARG A 512 -7.17 -14.19 10.18
C ARG A 512 -8.51 -14.42 9.48
N GLY A 513 -8.46 -14.61 8.16
CA GLY A 513 -9.67 -14.90 7.40
C GLY A 513 -10.26 -16.23 7.86
N TYR A 514 -9.39 -17.20 8.11
CA TYR A 514 -9.80 -18.52 8.57
C TYR A 514 -10.31 -18.46 10.01
N GLU A 515 -9.57 -17.78 10.88
CA GLU A 515 -9.93 -17.67 12.28
C GLU A 515 -11.27 -16.97 12.47
N HIS A 516 -11.50 -15.91 11.72
CA HIS A 516 -12.76 -15.16 11.82
C HIS A 516 -13.93 -16.04 11.41
N HIS A 517 -13.77 -16.77 10.30
CA HIS A 517 -14.81 -17.62 9.78
C HIS A 517 -15.31 -18.67 10.78
N ILE A 518 -14.36 -19.33 11.46
CA ILE A 518 -14.72 -20.42 12.36
C ILE A 518 -15.07 -19.98 13.78
N LEU A 519 -14.58 -18.81 14.19
CA LEU A 519 -14.75 -18.38 15.58
C LEU A 519 -15.95 -17.45 15.78
N LYS A 520 -16.29 -16.68 14.76
CA LYS A 520 -17.33 -15.66 14.91
C LYS A 520 -18.75 -16.17 15.25
N PRO A 521 -19.09 -17.43 14.87
CA PRO A 521 -20.43 -17.83 15.34
C PRO A 521 -20.47 -18.10 16.85
N ASN A 522 -19.30 -18.15 17.48
CA ASN A 522 -19.22 -18.42 18.92
C ASN A 522 -18.81 -17.18 19.71
N GLY A 523 -18.69 -16.05 19.02
CA GLY A 523 -18.53 -14.76 19.67
C GLY A 523 -17.15 -14.45 20.23
N MET A 524 -16.21 -15.35 20.06
CA MET A 524 -14.85 -15.12 20.58
C MET A 524 -13.89 -14.74 19.46
N ILE A 525 -12.83 -14.04 19.83
CA ILE A 525 -11.78 -13.68 18.89
C ILE A 525 -10.54 -14.55 19.13
N ALA A 526 -9.70 -14.68 18.11
CA ALA A 526 -8.56 -15.61 18.14
C ALA A 526 -7.62 -15.37 19.32
N GLU A 527 -7.28 -14.11 19.58
CA GLU A 527 -6.37 -13.75 20.66
C GLU A 527 -6.92 -14.24 22.00
N ASP A 528 -8.22 -14.03 22.22
CA ASP A 528 -8.87 -14.47 23.45
C ASP A 528 -8.86 -15.99 23.58
N VAL A 529 -9.13 -16.67 22.47
CA VAL A 529 -9.11 -18.14 22.45
C VAL A 529 -7.71 -18.65 22.80
N PHE A 530 -6.71 -18.01 22.23
CA PHE A 530 -5.32 -18.41 22.46
C PHE A 530 -4.90 -18.26 23.92
N TRP A 531 -5.12 -17.07 24.48
CA TRP A 531 -4.69 -16.78 25.84
C TRP A 531 -5.47 -17.58 26.88
N ASN A 532 -6.71 -17.93 26.57
CA ASN A 532 -7.50 -18.76 27.46
C ASN A 532 -6.95 -20.19 27.52
N LYS A 533 -6.36 -20.63 26.42
CA LYS A 533 -5.76 -21.96 26.37
C LYS A 533 -4.42 -21.99 27.08
N VAL A 534 -3.70 -20.87 27.02
CA VAL A 534 -2.39 -20.76 27.65
C VAL A 534 -2.48 -20.88 29.17
N ASN A 535 -3.43 -20.15 29.76
CA ASN A 535 -3.64 -20.21 31.21
C ASN A 535 -4.20 -21.57 31.64
N GLY A 536 -4.80 -22.29 30.70
CA GLY A 536 -5.34 -23.61 30.97
C GLY A 536 -4.25 -24.66 31.07
N LEU A 537 -3.04 -24.30 30.63
CA LEU A 537 -1.91 -25.21 30.68
C LEU A 537 -1.32 -25.30 32.09
N ASN A 538 -1.86 -24.51 33.00
CA ASN A 538 -1.43 -24.49 34.40
C ASN A 538 0.06 -24.26 34.56
N LEU A 539 0.52 -23.08 34.16
CA LEU A 539 1.92 -22.73 34.33
C LEU A 539 2.12 -22.01 35.66
N GLY A 540 1.03 -21.50 36.21
CA GLY A 540 1.04 -20.88 37.53
C GLY A 540 1.55 -19.46 37.55
N LEU A 541 2.33 -19.09 36.54
CA LEU A 541 2.94 -17.77 36.47
C LEU A 541 1.89 -16.68 36.28
N GLN A 542 2.27 -15.44 36.59
CA GLN A 542 1.40 -14.29 36.40
C GLN A 542 1.12 -14.09 34.92
N LEU A 543 -0.13 -13.75 34.59
CA LEU A 543 -0.55 -13.59 33.20
C LEU A 543 0.25 -12.51 32.49
N GLU A 544 0.58 -11.44 33.22
CA GLU A 544 1.34 -10.33 32.66
C GLU A 544 2.76 -10.78 32.32
N GLU A 545 3.32 -11.66 33.14
CA GLU A 545 4.67 -12.17 32.95
C GLU A 545 4.76 -13.09 31.73
N ILE A 546 3.72 -13.90 31.53
CA ILE A 546 3.70 -14.87 30.44
C ILE A 546 3.55 -14.19 29.08
N GLN A 547 2.74 -13.13 29.03
CA GLN A 547 2.55 -12.40 27.79
C GLN A 547 3.85 -11.79 27.27
N GLU A 548 4.72 -11.42 28.20
CA GLU A 548 6.04 -10.90 27.85
C GLU A 548 6.88 -11.99 27.18
N THR A 549 6.80 -13.20 27.71
CA THR A 549 7.56 -14.32 27.19
C THR A 549 7.02 -14.79 25.85
N LEU A 550 5.69 -14.83 25.72
CA LEU A 550 5.05 -15.31 24.51
C LEU A 550 4.81 -14.19 23.49
N LYS A 551 5.49 -13.07 23.67
CA LYS A 551 5.42 -11.97 22.72
C LYS A 551 5.99 -12.42 21.37
N ASN A 552 5.21 -12.25 20.31
CA ASN A 552 5.58 -12.69 18.96
C ASN A 552 5.92 -14.18 18.91
N SER A 553 5.11 -14.99 19.59
CA SER A 553 5.32 -16.43 19.61
C SER A 553 4.76 -17.08 18.34
N GLY A 554 5.38 -18.17 17.92
CA GLY A 554 4.91 -18.91 16.76
C GLY A 554 3.79 -19.88 17.12
N SER A 555 3.40 -19.85 18.39
CA SER A 555 2.39 -20.78 18.90
C SER A 555 0.97 -20.26 18.76
N GLU A 556 0.81 -19.08 18.17
CA GLU A 556 -0.52 -18.52 17.96
C GLU A 556 -1.14 -19.06 16.67
N CYS A 557 -0.32 -19.70 15.84
CA CYS A 557 -0.78 -20.25 14.57
C CYS A 557 -0.05 -21.56 14.26
N GLY A 558 -0.82 -22.61 13.98
CA GLY A 558 -0.28 -23.93 13.73
C GLY A 558 0.72 -24.01 12.59
N SER A 559 0.52 -23.20 11.57
CA SER A 559 1.41 -23.20 10.40
C SER A 559 2.70 -22.43 10.70
N CYS A 560 2.82 -21.92 11.92
CA CYS A 560 4.03 -21.25 12.36
C CYS A 560 4.78 -22.13 13.35
N PHE A 561 4.41 -23.41 13.38
CA PHE A 561 5.03 -24.40 14.25
C PHE A 561 6.56 -24.41 14.14
N TRP A 562 7.04 -24.40 12.91
CA TRP A 562 8.48 -24.52 12.65
C TRP A 562 9.25 -23.26 13.00
N ALA A 563 8.60 -22.10 12.88
CA ALA A 563 9.22 -20.85 13.24
C ALA A 563 9.57 -20.84 14.73
N GLU A 564 8.67 -21.38 15.54
CA GLU A 564 8.87 -21.43 16.98
C GLU A 564 9.96 -22.43 17.35
N VAL A 565 10.00 -23.56 16.66
CA VAL A 565 11.01 -24.58 16.90
C VAL A 565 12.41 -24.03 16.64
N GLU A 566 12.56 -23.28 15.55
CA GLU A 566 13.83 -22.68 15.19
C GLU A 566 14.33 -21.71 16.26
N GLU A 567 13.40 -20.96 16.85
CA GLU A 567 13.74 -19.95 17.85
C GLU A 567 14.04 -20.56 19.22
N LEU A 568 13.53 -21.76 19.46
CA LEU A 568 13.70 -22.39 20.76
C LEU A 568 14.93 -23.30 20.82
N LYS A 569 15.27 -23.92 19.70
CA LYS A 569 16.45 -24.78 19.67
C LYS A 569 17.72 -23.93 19.78
N GLY A 570 18.72 -24.47 20.48
CA GLY A 570 19.95 -23.74 20.70
C GLY A 570 19.97 -23.02 22.03
N LYS A 571 18.80 -22.65 22.51
CA LYS A 571 18.67 -21.94 23.79
C LYS A 571 18.65 -22.91 24.96
N PRO A 572 19.19 -22.49 26.11
CA PRO A 572 19.10 -23.26 27.35
C PRO A 572 17.64 -23.49 27.77
N TYR A 573 17.39 -24.58 28.49
CA TYR A 573 16.02 -24.95 28.83
C TYR A 573 15.34 -23.95 29.76
N GLU A 574 16.07 -23.50 30.77
CA GLU A 574 15.53 -22.53 31.74
C GLU A 574 15.09 -21.24 31.06
N GLU A 575 15.85 -20.85 30.04
CA GLU A 575 15.60 -19.61 29.32
C GLU A 575 14.29 -19.64 28.54
N VAL A 576 13.94 -20.80 28.01
CA VAL A 576 12.76 -20.93 27.15
C VAL A 576 11.85 -22.09 27.55
N GLU A 577 11.77 -22.37 28.86
CA GLU A 577 10.93 -23.46 29.36
C GLU A 577 9.45 -23.22 29.09
N VAL A 578 9.01 -21.98 29.31
CA VAL A 578 7.60 -21.62 29.15
C VAL A 578 7.12 -21.80 27.72
N ARG A 579 7.93 -21.35 26.76
CA ARG A 579 7.58 -21.43 25.35
C ARG A 579 7.53 -22.87 24.86
N VAL A 580 8.33 -23.74 25.47
CA VAL A 580 8.37 -25.14 25.10
C VAL A 580 7.07 -25.85 25.48
N LYS A 581 6.67 -25.70 26.75
CA LYS A 581 5.45 -26.35 27.25
C LYS A 581 4.20 -25.79 26.58
N THR A 582 4.28 -24.54 26.13
CA THR A 582 3.18 -23.94 25.40
C THR A 582 3.02 -24.62 24.04
N LEU A 583 4.15 -24.77 23.34
CA LEU A 583 4.15 -25.40 22.02
C LEU A 583 3.62 -26.83 22.07
N GLU A 584 3.94 -27.54 23.15
CA GLU A 584 3.48 -28.92 23.31
C GLU A 584 1.98 -28.98 23.58
N GLY A 585 1.45 -27.99 24.29
CA GLY A 585 0.04 -27.96 24.65
C GLY A 585 -0.87 -27.62 23.48
N MET A 586 -0.30 -27.01 22.45
CA MET A 586 -1.08 -26.62 21.28
C MET A 586 -1.06 -27.69 20.19
N LEU A 587 -0.17 -28.67 20.35
CA LEU A 587 0.18 -29.57 19.26
C LEU A 587 -0.95 -30.49 18.81
N ARG A 588 -1.63 -31.14 19.75
CA ARG A 588 -2.66 -32.12 19.40
C ARG A 588 -3.85 -31.47 18.70
N GLU A 589 -4.30 -30.33 19.20
CA GLU A 589 -5.39 -29.60 18.57
C GLU A 589 -4.99 -29.13 17.18
N TRP A 590 -3.73 -28.69 17.06
CA TRP A 590 -3.18 -28.31 15.76
C TRP A 590 -3.25 -29.47 14.78
N ILE A 591 -2.88 -30.66 15.25
CA ILE A 591 -2.94 -31.87 14.44
C ILE A 591 -4.38 -32.22 14.09
N THR A 592 -5.24 -32.20 15.10
CA THR A 592 -6.66 -32.49 14.92
C THR A 592 -7.30 -31.53 13.91
N ALA A 593 -6.92 -30.26 13.99
CA ALA A 593 -7.48 -29.24 13.11
C ALA A 593 -6.82 -29.29 11.72
N GLY A 594 -5.71 -30.01 11.62
CA GLY A 594 -5.02 -30.15 10.36
C GLY A 594 -4.00 -29.06 10.09
N GLU A 595 -3.71 -28.27 11.11
CA GLU A 595 -2.72 -27.19 11.00
C GLU A 595 -1.31 -27.75 10.94
N VAL A 596 -1.10 -28.89 11.59
CA VAL A 596 0.20 -29.54 11.64
C VAL A 596 0.08 -31.00 11.23
N ASP A 597 0.99 -31.47 10.38
CA ASP A 597 0.99 -32.84 9.92
C ASP A 597 1.72 -33.76 10.90
N GLU A 598 1.00 -34.76 11.41
CA GLU A 598 1.55 -35.69 12.39
C GLU A 598 2.55 -36.66 11.75
N LYS A 599 2.49 -36.78 10.42
CA LYS A 599 3.37 -37.68 9.70
C LYS A 599 4.77 -37.09 9.51
N GLU A 600 4.94 -35.83 9.90
CA GLU A 600 6.17 -35.09 9.62
C GLU A 600 7.03 -34.83 10.86
N ILE A 601 6.45 -34.12 11.82
CA ILE A 601 7.21 -33.49 12.90
C ILE A 601 7.93 -34.46 13.85
N PHE A 602 7.49 -35.71 13.91
CA PHE A 602 8.09 -36.67 14.84
C PHE A 602 9.11 -37.58 14.17
N LEU A 603 9.35 -37.37 12.88
CA LEU A 603 10.28 -38.21 12.12
C LEU A 603 11.70 -38.18 12.69
N GLU A 604 12.45 -39.24 12.44
CA GLU A 604 13.79 -39.39 13.01
C GLU A 604 14.73 -38.26 12.60
N GLY A 605 14.65 -37.84 11.34
CA GLY A 605 15.50 -36.78 10.82
C GLY A 605 14.88 -35.40 10.92
N SER A 606 13.77 -35.30 11.65
CA SER A 606 13.09 -34.02 11.83
C SER A 606 13.84 -33.13 12.81
N THR A 607 13.94 -31.85 12.46
CA THR A 607 14.60 -30.85 13.32
C THR A 607 13.95 -30.81 14.69
N PHE A 608 12.62 -30.86 14.72
CA PHE A 608 11.88 -30.85 15.97
C PHE A 608 12.20 -32.07 16.84
N ARG A 609 12.21 -33.24 16.21
CA ARG A 609 12.46 -34.48 16.95
C ARG A 609 13.90 -34.55 17.44
N LYS A 610 14.84 -34.19 16.57
CA LYS A 610 16.25 -34.19 16.92
C LYS A 610 16.54 -33.25 18.07
N TRP A 611 15.81 -32.13 18.12
CA TRP A 611 16.00 -31.16 19.18
C TRP A 611 15.27 -31.55 20.46
N TRP A 612 14.09 -32.13 20.31
CA TRP A 612 13.24 -32.48 21.46
C TRP A 612 13.91 -33.49 22.39
N ILE A 613 14.72 -34.38 21.81
CA ILE A 613 15.40 -35.41 22.58
C ILE A 613 16.46 -34.80 23.49
N THR A 614 17.11 -33.74 23.01
CA THR A 614 18.19 -33.09 23.75
C THR A 614 17.69 -32.31 24.97
N LEU A 615 16.37 -32.18 25.08
CA LEU A 615 15.76 -31.56 26.26
C LEU A 615 16.05 -32.38 27.51
N PRO A 616 16.04 -31.74 28.69
CA PRO A 616 16.25 -32.46 29.96
C PRO A 616 15.28 -33.62 30.14
N LYS A 617 15.75 -34.70 30.78
CA LYS A 617 14.96 -35.90 30.93
C LYS A 617 13.77 -35.70 31.86
N ASN A 618 13.89 -34.73 32.77
CA ASN A 618 12.80 -34.42 33.70
C ASN A 618 11.57 -33.91 32.97
N HIS A 619 11.79 -33.19 31.88
CA HIS A 619 10.70 -32.65 31.07
C HIS A 619 10.07 -33.73 30.19
N LYS A 620 10.91 -34.54 29.56
CA LYS A 620 10.47 -35.55 28.62
C LYS A 620 9.60 -36.63 29.27
N SER A 621 9.86 -36.92 30.54
CA SER A 621 9.15 -37.98 31.24
C SER A 621 7.66 -37.67 31.37
N HIS A 622 7.33 -36.46 31.80
CA HIS A 622 5.93 -36.07 31.97
C HIS A 622 5.46 -35.15 30.86
N SER A 623 6.13 -35.23 29.71
CA SER A 623 5.69 -34.51 28.52
C SER A 623 4.66 -35.34 27.77
N PRO A 624 3.64 -34.68 27.20
CA PRO A 624 2.60 -35.37 26.44
C PRO A 624 3.14 -35.98 25.15
N LEU A 625 4.38 -35.65 24.81
CA LEU A 625 4.98 -36.06 23.55
C LEU A 625 5.96 -37.22 23.73
N ARG A 626 6.09 -37.69 24.97
CA ARG A 626 7.00 -38.79 25.29
C ARG A 626 6.70 -40.05 24.49
N ASP A 627 5.42 -40.34 24.32
CA ASP A 627 4.98 -41.57 23.66
C ASP A 627 4.98 -41.46 22.15
N TYR A 628 5.54 -40.37 21.62
CA TYR A 628 5.53 -40.14 20.18
C TYR A 628 6.95 -40.00 19.63
N MET A 629 7.93 -39.96 20.52
CA MET A 629 9.33 -39.88 20.14
C MET A 629 10.19 -40.70 21.10
N MET A 630 11.16 -41.43 20.58
CA MET A 630 12.07 -42.19 21.41
C MET A 630 13.50 -41.69 21.25
N ASP A 631 14.24 -41.66 22.36
CA ASP A 631 15.61 -41.17 22.36
C ASP A 631 16.53 -42.10 21.57
N GLU A 632 17.75 -41.65 21.33
CA GLU A 632 18.76 -42.46 20.67
C GLU A 632 19.44 -43.37 21.68
N ILE A 633 20.32 -44.24 21.21
CA ILE A 633 21.05 -45.14 22.09
C ILE A 633 22.56 -44.94 21.96
N SER B 1 -20.56 20.24 -31.19
CA SER B 1 -21.02 20.09 -29.81
C SER B 1 -19.87 19.71 -28.89
N GLN B 2 -20.17 18.93 -27.86
CA GLN B 2 -19.15 18.52 -26.89
C GLN B 2 -19.34 17.08 -26.42
N ASP B 3 -18.23 16.40 -26.18
CA ASP B 3 -18.25 15.03 -25.65
C ASP B 3 -17.78 15.04 -24.19
N PRO B 4 -18.35 14.16 -23.35
CA PRO B 4 -18.12 14.06 -21.90
C PRO B 4 -16.66 14.24 -21.47
N GLU B 5 -16.47 14.83 -20.30
CA GLU B 5 -15.13 15.11 -19.77
C GLU B 5 -14.31 13.85 -19.54
N SER B 6 -13.01 13.96 -19.75
CA SER B 6 -12.09 12.84 -19.59
C SER B 6 -11.72 12.64 -18.13
N SER B 7 -11.13 11.48 -17.84
CA SER B 7 -10.75 11.12 -16.48
C SER B 7 -9.80 12.14 -15.85
N SER B 8 -8.72 12.45 -16.56
CA SER B 8 -7.69 13.36 -16.06
C SER B 8 -8.20 14.77 -15.86
N SER B 9 -9.17 15.17 -16.69
CA SER B 9 -9.75 16.51 -16.57
C SER B 9 -10.50 16.66 -15.26
N LEU B 10 -11.13 15.56 -14.81
CA LEU B 10 -11.92 15.57 -13.60
C LEU B 10 -11.04 15.46 -12.35
N LYS B 11 -9.84 14.90 -12.51
CA LYS B 11 -8.88 14.83 -11.42
C LYS B 11 -8.37 16.22 -11.08
N GLY B 12 -7.90 16.93 -12.09
CA GLY B 12 -7.34 18.26 -11.91
C GLY B 12 -8.36 19.22 -11.34
N SER B 13 -9.63 19.03 -11.71
CA SER B 13 -10.71 19.86 -11.18
C SER B 13 -10.91 19.59 -9.70
N ALA B 14 -11.09 18.32 -9.36
CA ALA B 14 -11.32 17.91 -7.97
C ALA B 14 -10.13 18.25 -7.08
N LEU B 15 -8.92 18.01 -7.57
CA LEU B 15 -7.72 18.33 -6.81
C LEU B 15 -7.61 19.84 -6.63
N GLY B 16 -7.94 20.59 -7.68
CA GLY B 16 -7.93 22.03 -7.61
C GLY B 16 -8.90 22.59 -6.58
N LYS B 17 -10.14 22.11 -6.62
CA LYS B 17 -11.15 22.53 -5.66
C LYS B 17 -10.78 22.13 -4.24
N LEU B 18 -10.20 20.93 -4.11
CA LEU B 18 -9.73 20.44 -2.81
C LEU B 18 -8.73 21.39 -2.19
N VAL B 19 -7.75 21.82 -2.98
CA VAL B 19 -6.75 22.78 -2.52
C VAL B 19 -7.40 24.11 -2.14
N VAL B 20 -8.37 24.57 -2.93
CA VAL B 20 -9.05 25.83 -2.68
C VAL B 20 -9.85 25.82 -1.39
N THR B 21 -10.71 24.82 -1.22
CA THR B 21 -11.57 24.75 -0.05
C THR B 21 -10.81 24.34 1.21
N SER B 22 -9.56 23.93 1.04
CA SER B 22 -8.73 23.53 2.16
C SER B 22 -8.32 24.72 3.01
N GLY B 23 -8.22 25.89 2.38
CA GLY B 23 -7.85 27.10 3.07
C GLY B 23 -6.34 27.28 3.16
N LEU B 24 -5.59 26.38 2.52
CA LEU B 24 -4.14 26.44 2.56
C LEU B 24 -3.60 27.64 1.78
N LEU B 25 -4.23 27.93 0.63
CA LEU B 25 -3.81 29.05 -0.19
C LEU B 25 -4.10 30.38 0.50
N HIS B 26 -5.26 30.47 1.14
CA HIS B 26 -5.67 31.68 1.84
C HIS B 26 -4.75 32.01 3.00
N SER B 27 -4.49 31.00 3.83
CA SER B 27 -3.64 31.18 5.01
C SER B 27 -2.21 31.50 4.61
N SER B 28 -1.76 30.92 3.50
CA SER B 28 -0.41 31.18 3.01
C SER B 28 -0.28 32.61 2.47
N TRP B 29 -1.24 33.01 1.65
CA TRP B 29 -1.19 34.33 1.02
C TRP B 29 -1.36 35.47 2.01
N SER B 30 -2.16 35.24 3.04
CA SER B 30 -2.42 36.27 4.05
C SER B 30 -1.16 36.56 4.86
N LYS B 31 -0.38 35.51 5.14
CA LYS B 31 0.88 35.68 5.86
C LYS B 31 1.92 36.33 4.95
N ILE B 32 1.81 36.09 3.65
CA ILE B 32 2.68 36.74 2.67
C ILE B 32 2.42 38.24 2.66
N LEU B 33 1.16 38.63 2.79
CA LEU B 33 0.79 40.04 2.84
C LEU B 33 1.40 40.75 4.05
N GLU B 34 1.59 40.00 5.13
CA GLU B 34 2.09 40.57 6.38
C GLU B 34 3.57 40.92 6.32
N ILE B 35 4.35 40.18 5.53
CA ILE B 35 5.79 40.34 5.52
C ILE B 35 6.23 41.51 4.63
N HIS B 36 5.36 41.93 3.71
CA HIS B 36 5.70 43.04 2.82
C HIS B 36 5.30 44.38 3.45
N ASN B 37 4.27 44.36 4.28
CA ASN B 37 3.85 45.55 5.01
C ASN B 37 2.92 45.20 6.17
N PRO B 38 3.37 45.48 7.41
CA PRO B 38 2.61 45.30 8.65
C PRO B 38 1.16 45.78 8.55
N ASP B 55 19.40 46.08 3.30
CA ASP B 55 18.13 46.70 2.95
C ASP B 55 17.28 45.77 2.08
N SER B 56 17.67 45.64 0.82
CA SER B 56 16.91 44.84 -0.13
C SER B 56 17.53 43.45 -0.33
N GLY B 57 17.51 42.65 0.72
CA GLY B 57 17.98 41.27 0.64
C GLY B 57 16.84 40.30 0.85
N LEU B 58 17.17 39.09 1.28
CA LEU B 58 16.15 38.09 1.57
C LEU B 58 15.60 38.28 2.97
N GLU B 59 14.29 38.11 3.12
CA GLU B 59 13.63 38.21 4.42
C GLU B 59 12.68 37.03 4.62
N PHE B 60 12.52 36.61 5.87
CA PHE B 60 11.54 35.57 6.16
C PHE B 60 10.97 35.68 7.58
N GLN B 61 9.74 35.21 7.74
CA GLN B 61 9.08 35.20 9.04
C GLN B 61 8.48 33.82 9.31
N ILE B 62 8.54 33.39 10.56
CA ILE B 62 8.06 32.06 10.94
C ILE B 62 6.78 32.11 11.75
N HIS B 63 5.74 31.47 11.25
CA HIS B 63 4.48 31.36 11.97
C HIS B 63 4.30 29.95 12.53
N ARG B 64 4.21 29.86 13.85
CA ARG B 64 4.11 28.57 14.52
C ARG B 64 2.70 28.29 14.98
N GLU B 65 1.87 27.79 14.05
CA GLU B 65 0.46 27.53 14.33
C GLU B 65 0.27 26.19 15.05
N GLU B 66 -0.99 25.88 15.37
CA GLU B 66 -1.33 24.64 16.05
C GLU B 66 -1.20 23.43 15.12
N LYS B 67 -1.73 23.57 13.91
CA LYS B 67 -1.74 22.47 12.95
C LYS B 67 -0.39 22.29 12.27
N PHE B 68 0.32 23.39 12.07
CA PHE B 68 1.58 23.36 11.32
C PHE B 68 2.49 24.54 11.63
N THR B 69 3.66 24.54 11.00
CA THR B 69 4.55 25.70 11.04
C THR B 69 4.67 26.28 9.64
N LEU B 70 4.46 27.59 9.51
CA LEU B 70 4.51 28.25 8.22
C LEU B 70 5.72 29.18 8.13
N VAL B 71 6.48 29.05 7.05
CA VAL B 71 7.61 29.93 6.80
C VAL B 71 7.38 30.74 5.53
N VAL B 72 7.35 32.07 5.67
CA VAL B 72 7.12 32.96 4.54
C VAL B 72 8.42 33.61 4.07
N PHE B 73 8.72 33.50 2.78
CA PHE B 73 9.90 34.14 2.22
C PHE B 73 9.54 35.41 1.45
N SER B 74 10.39 36.43 1.59
CA SER B 74 10.20 37.67 0.87
C SER B 74 11.49 38.11 0.20
N ALA B 75 11.42 38.40 -1.10
CA ALA B 75 12.58 38.80 -1.87
C ALA B 75 12.34 40.15 -2.56
N PRO B 76 13.43 40.86 -2.91
CA PRO B 76 13.28 42.12 -3.67
C PRO B 76 12.60 41.88 -5.02
N PRO B 77 12.07 42.95 -5.66
CA PRO B 77 11.37 42.82 -6.94
C PRO B 77 12.16 42.09 -8.01
N ILE B 78 11.45 41.39 -8.89
CA ILE B 78 12.07 40.62 -9.96
C ILE B 78 12.76 41.50 -10.99
N CYS B 79 14.02 41.21 -11.27
CA CYS B 79 14.74 41.88 -12.35
C CYS B 79 14.48 41.13 -13.66
N ARG B 80 13.79 41.79 -14.58
CA ARG B 80 13.29 41.14 -15.79
C ARG B 80 14.38 40.73 -16.78
N SER B 81 15.43 41.55 -16.90
CA SER B 81 16.49 41.28 -17.85
C SER B 81 17.30 40.04 -17.46
N SER B 82 17.26 39.68 -16.18
CA SER B 82 17.97 38.51 -15.68
C SER B 82 17.06 37.29 -15.68
N SER B 83 16.19 37.20 -16.66
CA SER B 83 15.17 36.14 -16.72
C SER B 83 15.79 34.76 -16.96
N SER B 84 16.68 34.66 -17.94
CA SER B 84 17.29 33.38 -18.27
C SER B 84 18.74 33.30 -17.82
N ASP B 85 19.12 34.12 -16.85
CA ASP B 85 20.45 34.02 -16.25
C ASP B 85 20.53 32.78 -15.36
N SER B 86 21.45 31.88 -15.68
CA SER B 86 21.51 30.61 -14.99
C SER B 86 22.87 30.34 -14.33
N THR B 87 22.84 29.54 -13.28
CA THR B 87 24.06 29.10 -12.61
C THR B 87 24.14 27.58 -12.66
N LEU B 88 25.23 27.05 -13.21
CA LEU B 88 25.40 25.61 -13.34
C LEU B 88 25.93 24.99 -12.05
N LEU B 89 25.24 23.96 -11.57
CA LEU B 89 25.65 23.26 -10.36
C LEU B 89 26.02 21.81 -10.67
N HIS B 90 27.24 21.44 -10.34
CA HIS B 90 27.74 20.10 -10.64
C HIS B 90 27.97 19.31 -9.35
N VAL B 91 27.77 18.00 -9.42
CA VAL B 91 27.94 17.13 -8.25
C VAL B 91 29.38 17.15 -7.74
N LYS B 92 30.32 17.42 -8.63
CA LYS B 92 31.74 17.45 -8.29
C LYS B 92 32.11 18.75 -7.57
N ASP B 93 31.30 19.78 -7.79
CA ASP B 93 31.56 21.09 -7.24
C ASP B 93 31.29 21.13 -5.74
N LYS B 94 32.32 21.49 -4.97
CA LYS B 94 32.21 21.51 -3.51
C LYS B 94 31.37 22.68 -3.01
N GLU B 95 31.08 23.64 -3.88
CA GLU B 95 30.25 24.78 -3.51
C GLU B 95 28.79 24.57 -3.93
N ASN B 96 28.45 23.33 -4.29
CA ASN B 96 27.09 22.97 -4.65
C ASN B 96 26.32 22.51 -3.42
N PRO B 97 25.29 23.28 -3.03
CA PRO B 97 24.48 22.98 -1.84
C PRO B 97 23.56 21.79 -2.04
N PHE B 98 23.40 21.34 -3.27
CA PHE B 98 22.49 20.22 -3.58
C PHE B 98 23.19 19.01 -4.22
N PRO B 99 24.20 18.43 -3.55
CA PRO B 99 24.85 17.29 -4.21
C PRO B 99 23.95 16.07 -4.30
N PHE B 100 23.07 15.87 -3.31
CA PHE B 100 22.20 14.70 -3.27
C PHE B 100 21.03 14.83 -4.23
N LEU B 101 20.98 15.95 -4.95
CA LEU B 101 19.91 16.18 -5.93
C LEU B 101 20.36 15.74 -7.31
N CYS B 102 21.67 15.61 -7.50
CA CYS B 102 22.23 15.17 -8.77
C CYS B 102 22.04 13.67 -8.98
N SER B 103 21.89 13.26 -10.24
CA SER B 103 21.75 11.86 -10.57
C SER B 103 22.93 11.39 -11.41
N GLU B 104 22.98 10.09 -11.69
CA GLU B 104 24.03 9.55 -12.55
C GLU B 104 23.87 10.09 -13.96
N ASN B 105 22.64 10.08 -14.47
CA ASN B 105 22.36 10.60 -15.79
C ASN B 105 22.59 12.11 -15.89
N ASN B 106 22.14 12.84 -14.88
CA ASN B 106 22.34 14.29 -14.83
C ASN B 106 23.18 14.71 -13.64
N PRO B 107 24.51 14.64 -13.78
CA PRO B 107 25.42 15.04 -12.70
C PRO B 107 25.45 16.55 -12.48
N SER B 108 24.75 17.29 -13.34
CA SER B 108 24.64 18.74 -13.17
C SER B 108 23.27 19.26 -13.59
N PHE B 109 22.88 20.39 -12.99
CA PHE B 109 21.66 21.09 -13.38
C PHE B 109 21.87 22.59 -13.17
N SER B 110 20.96 23.40 -13.69
CA SER B 110 21.10 24.85 -13.61
C SER B 110 19.96 25.51 -12.84
N LEU B 111 20.28 26.58 -12.11
CA LEU B 111 19.29 27.31 -11.34
C LEU B 111 19.24 28.77 -11.74
N HIS B 112 18.09 29.41 -11.52
CA HIS B 112 17.94 30.84 -11.76
C HIS B 112 18.90 31.61 -10.85
N THR B 113 19.81 32.37 -11.48
CA THR B 113 20.91 33.02 -10.77
C THR B 113 20.48 33.95 -9.62
N PRO B 114 19.52 34.88 -9.88
CA PRO B 114 19.13 35.76 -8.77
C PRO B 114 18.56 34.99 -7.58
N ALA B 115 17.73 33.99 -7.87
CA ALA B 115 17.14 33.16 -6.83
C ALA B 115 18.22 32.40 -6.06
N PHE B 116 19.17 31.82 -6.79
CA PHE B 116 20.25 31.04 -6.19
C PHE B 116 21.18 31.92 -5.36
N ASN B 117 21.45 33.13 -5.85
CA ASN B 117 22.32 34.06 -5.14
C ASN B 117 21.72 34.54 -3.83
N LEU B 118 20.41 34.77 -3.83
CA LEU B 118 19.71 35.15 -2.61
C LEU B 118 19.73 34.01 -1.61
N PHE B 119 19.56 32.79 -2.12
CA PHE B 119 19.56 31.59 -1.28
C PHE B 119 20.89 31.40 -0.58
N THR B 120 21.98 31.49 -1.34
CA THR B 120 23.32 31.24 -0.80
C THR B 120 23.80 32.36 0.11
N SER B 121 23.38 33.59 -0.16
CA SER B 121 23.81 34.74 0.63
C SER B 121 23.10 34.76 1.99
N ALA B 122 22.14 33.87 2.17
CA ALA B 122 21.41 33.77 3.43
C ALA B 122 21.67 32.43 4.12
N SER B 123 22.74 31.76 3.70
CA SER B 123 23.05 30.40 4.16
C SER B 123 23.17 30.28 5.68
N THR B 124 23.54 31.36 6.35
CA THR B 124 23.71 31.35 7.80
C THR B 124 22.38 31.21 8.53
N SER B 125 21.49 32.17 8.31
CA SER B 125 20.19 32.20 9.00
C SER B 125 19.27 31.08 8.53
N LEU B 126 19.51 30.56 7.32
CA LEU B 126 18.72 29.46 6.80
C LEU B 126 19.18 28.13 7.38
N THR B 127 20.44 28.06 7.78
CA THR B 127 20.98 26.87 8.42
C THR B 127 20.43 26.74 9.84
N TYR B 128 20.34 27.88 10.51
CA TYR B 128 19.76 27.94 11.86
C TYR B 128 18.30 27.50 11.82
N LEU B 129 17.57 27.99 10.82
CA LEU B 129 16.16 27.67 10.65
C LEU B 129 15.96 26.19 10.34
N LYS B 130 16.87 25.61 9.57
CA LYS B 130 16.77 24.21 9.19
C LYS B 130 16.76 23.29 10.40
N SER B 131 17.49 23.70 11.44
CA SER B 131 17.53 22.94 12.68
C SER B 131 16.15 22.83 13.32
N GLU B 132 15.47 23.97 13.45
CA GLU B 132 14.13 24.02 14.04
C GLU B 132 13.12 23.23 13.20
N LEU B 133 13.15 23.44 11.89
CA LEU B 133 12.19 22.80 10.99
C LEU B 133 12.32 21.28 10.98
N LEU B 134 13.55 20.80 10.90
CA LEU B 134 13.80 19.36 10.92
C LEU B 134 13.36 18.75 12.25
N GLN B 135 13.49 19.52 13.32
CA GLN B 135 13.08 19.08 14.64
C GLN B 135 11.55 19.13 14.75
N THR B 136 10.95 20.10 14.05
CA THR B 136 9.51 20.23 14.01
C THR B 136 8.90 19.03 13.29
N LEU B 137 9.50 18.65 12.17
CA LEU B 137 9.04 17.50 11.39
C LEU B 137 9.23 16.20 12.16
N LYS B 138 10.27 16.15 12.99
CA LYS B 138 10.54 14.97 13.82
C LYS B 138 9.42 14.74 14.83
N SER B 139 8.80 15.84 15.29
CA SER B 139 7.69 15.76 16.21
C SER B 139 6.37 15.57 15.47
N GLU B 140 6.48 15.20 14.19
CA GLU B 140 5.33 14.97 13.31
C GLU B 140 4.42 16.19 13.21
N LYS B 141 5.01 17.37 13.33
CA LYS B 141 4.30 18.62 13.08
C LYS B 141 4.68 19.13 11.69
N PRO B 142 3.71 19.09 10.76
CA PRO B 142 3.94 19.43 9.35
C PRO B 142 4.46 20.85 9.14
N VAL B 143 5.05 21.10 7.98
CA VAL B 143 5.71 22.38 7.71
C VAL B 143 5.37 22.91 6.31
N ILE B 144 5.04 24.20 6.25
CA ILE B 144 4.77 24.86 4.97
C ILE B 144 5.77 25.99 4.71
N ILE B 145 6.32 26.01 3.51
CA ILE B 145 7.19 27.11 3.09
C ILE B 145 6.52 27.83 1.93
N THR B 146 6.41 29.15 2.01
CA THR B 146 5.70 29.90 0.97
C THR B 146 6.38 31.23 0.62
N GLY B 147 5.98 31.77 -0.52
CA GLY B 147 6.51 33.04 -0.99
C GLY B 147 5.89 33.43 -2.32
N ALA B 148 5.91 34.72 -2.61
CA ALA B 148 5.41 35.22 -3.88
C ALA B 148 6.55 35.70 -4.76
N ALA B 149 6.39 35.54 -6.08
CA ALA B 149 7.39 35.95 -7.06
C ALA B 149 8.76 35.33 -6.76
N LEU B 150 9.77 36.18 -6.63
CA LEU B 150 11.14 35.71 -6.40
C LEU B 150 11.29 35.11 -5.01
N GLY B 151 10.47 35.57 -4.08
CA GLY B 151 10.44 35.00 -2.74
C GLY B 151 9.98 33.56 -2.78
N GLY B 152 9.08 33.26 -3.70
CA GLY B 152 8.61 31.90 -3.91
C GLY B 152 9.70 31.04 -4.52
N SER B 153 10.54 31.63 -5.35
CA SER B 153 11.66 30.93 -5.96
C SER B 153 12.66 30.49 -4.90
N VAL B 154 13.02 31.41 -4.01
CA VAL B 154 13.93 31.11 -2.90
C VAL B 154 13.28 30.11 -1.96
N ALA B 155 11.97 30.26 -1.76
CA ALA B 155 11.20 29.33 -0.94
C ALA B 155 11.30 27.91 -1.50
N SER B 156 11.26 27.80 -2.82
CA SER B 156 11.40 26.52 -3.49
C SER B 156 12.79 25.94 -3.33
N LEU B 157 13.80 26.79 -3.47
CA LEU B 157 15.19 26.37 -3.29
C LEU B 157 15.42 25.89 -1.86
N TYR B 158 14.80 26.58 -0.91
CA TYR B 158 14.94 26.22 0.49
C TYR B 158 14.28 24.88 0.79
N THR B 159 13.16 24.62 0.10
CA THR B 159 12.45 23.36 0.27
C THR B 159 13.27 22.19 -0.28
N LEU B 160 13.87 22.41 -1.45
CA LEU B 160 14.76 21.42 -2.05
C LEU B 160 15.92 21.11 -1.12
N TRP B 161 16.38 22.15 -0.41
CA TRP B 161 17.51 22.00 0.50
C TRP B 161 17.13 21.21 1.74
N LEU B 162 15.91 21.41 2.22
CA LEU B 162 15.40 20.67 3.37
C LEU B 162 15.26 19.18 3.04
N LEU B 163 14.91 18.89 1.78
CA LEU B 163 14.69 17.53 1.33
C LEU B 163 16.00 16.80 1.01
N GLU B 164 17.12 17.50 1.18
CA GLU B 164 18.42 16.95 0.81
C GLU B 164 18.81 15.73 1.65
N THR B 165 18.58 15.81 2.96
CA THR B 165 18.96 14.74 3.86
C THR B 165 17.80 14.29 4.74
N ILE B 166 16.61 14.82 4.49
CA ILE B 166 15.46 14.56 5.34
C ILE B 166 15.11 13.07 5.44
N GLU B 167 14.56 12.68 6.59
CA GLU B 167 14.10 11.32 6.79
C GLU B 167 12.80 11.09 6.02
N PRO B 168 12.81 10.09 5.12
CA PRO B 168 11.66 9.78 4.26
C PRO B 168 10.42 9.33 5.04
N THR B 169 10.59 8.95 6.30
CA THR B 169 9.46 8.54 7.13
C THR B 169 8.69 9.76 7.62
N LEU B 170 9.41 10.87 7.83
CA LEU B 170 8.81 12.11 8.29
C LEU B 170 7.81 12.66 7.28
N LYS B 171 6.86 13.45 7.78
CA LYS B 171 5.91 14.12 6.91
C LYS B 171 6.64 15.11 6.01
N ARG B 172 6.39 15.00 4.72
CA ARG B 172 7.07 15.86 3.75
C ARG B 172 6.58 17.30 3.85
N PRO B 173 7.51 18.26 3.78
CA PRO B 173 7.13 19.68 3.77
C PRO B 173 6.38 20.04 2.50
N LEU B 174 5.64 21.13 2.54
CA LEU B 174 4.91 21.60 1.36
C LEU B 174 5.35 23.02 1.01
N CYS B 175 5.76 23.21 -0.25
CA CYS B 175 6.13 24.53 -0.72
C CYS B 175 5.05 25.08 -1.63
N ILE B 176 4.49 26.22 -1.22
CA ILE B 176 3.46 26.90 -2.01
C ILE B 176 3.97 28.24 -2.51
N THR B 177 4.02 28.41 -3.83
CA THR B 177 4.48 29.68 -4.40
C THR B 177 3.34 30.37 -5.14
N PHE B 178 3.42 31.70 -5.19
CA PHE B 178 2.43 32.51 -5.90
C PHE B 178 3.10 33.37 -6.97
N GLY B 179 2.79 33.11 -8.23
CA GLY B 179 3.32 33.90 -9.33
C GLY B 179 4.83 33.94 -9.39
N SER B 180 5.47 32.82 -9.10
CA SER B 180 6.93 32.74 -9.12
C SER B 180 7.43 32.45 -10.53
N PRO B 181 8.59 33.02 -10.88
CA PRO B 181 9.23 32.66 -12.16
C PRO B 181 9.76 31.23 -12.10
N LEU B 182 10.19 30.69 -13.23
CA LEU B 182 10.76 29.35 -13.24
C LEU B 182 12.11 29.36 -12.53
N ILE B 183 12.53 28.20 -12.05
CA ILE B 183 13.65 28.10 -11.12
C ILE B 183 14.78 27.20 -11.62
N GLY B 184 14.41 26.06 -12.19
CA GLY B 184 15.39 25.11 -12.68
C GLY B 184 15.31 24.90 -14.17
N ASP B 185 16.30 24.19 -14.72
CA ASP B 185 16.33 23.93 -16.16
C ASP B 185 15.81 22.53 -16.49
N ALA B 186 16.02 22.11 -17.72
CA ALA B 186 15.56 20.80 -18.19
C ALA B 186 16.21 19.67 -17.40
N SER B 187 17.48 19.85 -17.04
CA SER B 187 18.22 18.85 -16.28
C SER B 187 17.58 18.61 -14.91
N LEU B 188 17.25 19.69 -14.22
CA LEU B 188 16.62 19.60 -12.92
C LEU B 188 15.20 19.01 -13.05
N GLN B 189 14.50 19.42 -14.10
CA GLN B 189 13.16 18.90 -14.37
C GLN B 189 13.19 17.39 -14.53
N GLN B 190 14.18 16.91 -15.28
CA GLN B 190 14.32 15.48 -15.55
C GLN B 190 14.64 14.72 -14.26
N ILE B 191 15.42 15.33 -13.39
CA ILE B 191 15.75 14.73 -12.10
C ILE B 191 14.52 14.63 -11.19
N LEU B 192 13.88 15.76 -10.97
CA LEU B 192 12.72 15.82 -10.08
C LEU B 192 11.56 14.97 -10.59
N GLU B 193 11.56 14.73 -11.91
CA GLU B 193 10.59 13.83 -12.54
C GLU B 193 10.70 12.43 -11.96
N ASN B 194 11.88 12.09 -11.45
CA ASN B 194 12.12 10.78 -10.86
C ASN B 194 12.41 10.88 -9.37
N SER B 195 11.67 11.76 -8.68
CA SER B 195 11.91 11.99 -7.27
C SER B 195 10.62 12.32 -6.52
N VAL B 196 10.56 11.90 -5.27
CA VAL B 196 9.43 12.20 -4.39
C VAL B 196 9.36 13.70 -4.10
N ARG B 197 10.49 14.38 -4.27
CA ARG B 197 10.59 15.82 -4.02
C ARG B 197 9.62 16.62 -4.88
N ASN B 198 9.33 16.11 -6.07
CA ASN B 198 8.47 16.80 -7.02
C ASN B 198 7.05 16.97 -6.51
N SER B 199 6.65 16.13 -5.56
CA SER B 199 5.31 16.19 -5.00
C SER B 199 5.25 17.11 -3.78
N CYS B 200 6.31 17.88 -3.56
CA CYS B 200 6.35 18.81 -2.44
C CYS B 200 6.17 20.25 -2.89
N PHE B 201 5.80 20.45 -4.14
CA PHE B 201 5.72 21.79 -4.71
C PHE B 201 4.36 22.09 -5.33
N LEU B 202 3.75 23.17 -4.87
CA LEU B 202 2.50 23.65 -5.44
C LEU B 202 2.69 25.08 -5.93
N HIS B 203 2.82 25.23 -7.25
CA HIS B 203 3.05 26.54 -7.84
C HIS B 203 1.74 27.15 -8.33
N VAL B 204 1.24 28.14 -7.58
CA VAL B 204 0.01 28.82 -7.94
C VAL B 204 0.28 29.92 -8.95
N VAL B 205 -0.38 29.84 -10.10
CA VAL B 205 -0.26 30.86 -11.13
C VAL B 205 -1.65 31.25 -11.67
N SER B 206 -1.78 32.49 -12.10
CA SER B 206 -2.98 32.94 -12.78
C SER B 206 -3.01 32.35 -14.18
N ALA B 207 -4.21 32.12 -14.71
CA ALA B 207 -4.35 31.57 -16.05
C ALA B 207 -3.86 32.56 -17.12
N GLN B 208 -3.74 33.82 -16.73
CA GLN B 208 -3.25 34.86 -17.62
C GLN B 208 -1.73 34.95 -17.62
N THR B 209 -1.09 34.23 -16.71
CA THR B 209 0.36 34.26 -16.58
C THR B 209 1.06 33.53 -17.73
N ARG B 210 2.07 34.20 -18.29
CA ARG B 210 2.90 33.58 -19.32
C ARG B 210 4.37 33.66 -18.92
N ILE B 211 5.12 32.62 -19.29
CA ILE B 211 6.54 32.52 -18.94
C ILE B 211 7.38 32.13 -20.16
N LYS B 212 8.44 32.90 -20.43
CA LYS B 212 9.40 32.51 -21.45
C LYS B 212 10.16 31.29 -20.97
N MET B 213 9.88 30.14 -21.57
CA MET B 213 10.49 28.88 -21.14
C MET B 213 11.54 28.37 -22.12
N ASP B 214 12.42 29.25 -22.58
CA ASP B 214 13.45 28.86 -23.54
C ASP B 214 14.58 28.08 -22.85
N PHE B 215 14.93 28.48 -21.63
CA PHE B 215 15.95 27.75 -20.88
C PHE B 215 15.39 27.06 -19.65
N PHE B 216 14.73 27.82 -18.77
CA PHE B 216 14.19 27.26 -17.54
C PHE B 216 12.88 26.53 -17.79
N LYS B 217 12.67 25.47 -17.02
CA LYS B 217 11.53 24.58 -17.22
C LYS B 217 10.75 24.36 -15.92
N PRO B 218 9.45 24.07 -16.03
CA PRO B 218 8.63 23.85 -14.83
C PRO B 218 8.88 22.52 -14.15
N PHE B 219 8.88 22.52 -12.82
CA PHE B 219 8.82 21.28 -12.04
C PHE B 219 7.75 21.42 -10.97
N GLY B 220 7.36 20.29 -10.38
CA GLY B 220 6.34 20.29 -9.35
C GLY B 220 4.94 20.40 -9.91
N THR B 221 3.96 20.54 -9.02
CA THR B 221 2.56 20.64 -9.42
C THR B 221 2.14 22.10 -9.55
N PHE B 222 1.44 22.41 -10.64
CA PHE B 222 0.96 23.76 -10.87
C PHE B 222 -0.54 23.88 -10.64
N LEU B 223 -0.93 24.91 -9.89
CA LEU B 223 -2.33 25.23 -9.72
C LEU B 223 -2.65 26.44 -10.58
N ILE B 224 -3.38 26.23 -11.67
CA ILE B 224 -3.68 27.28 -12.62
C ILE B 224 -5.07 27.86 -12.36
N CYS B 225 -5.12 29.14 -12.03
CA CYS B 225 -6.34 29.76 -11.55
C CYS B 225 -7.05 30.61 -12.61
N PHE B 226 -8.32 30.29 -12.86
CA PHE B 226 -9.17 31.05 -13.75
C PHE B 226 -10.17 31.84 -12.92
N ASP B 227 -10.97 32.68 -13.56
CA ASP B 227 -12.02 33.40 -12.87
C ASP B 227 -13.06 32.43 -12.32
N SER B 228 -13.33 31.37 -13.06
CA SER B 228 -14.42 30.45 -12.74
C SER B 228 -13.95 29.17 -12.07
N GLY B 229 -12.70 29.15 -11.62
CA GLY B 229 -12.16 27.98 -10.95
C GLY B 229 -10.70 27.72 -11.24
N CYS B 230 -10.19 26.60 -10.75
CA CYS B 230 -8.78 26.27 -10.93
C CYS B 230 -8.58 24.78 -11.20
N VAL B 231 -7.41 24.43 -11.71
CA VAL B 231 -7.09 23.05 -12.04
C VAL B 231 -5.65 22.73 -11.67
N CYS B 232 -5.43 21.54 -11.11
CA CYS B 232 -4.07 21.08 -10.82
C CYS B 232 -3.47 20.33 -12.00
N ILE B 233 -2.33 20.82 -12.48
CA ILE B 233 -1.59 20.15 -13.54
C ILE B 233 -0.25 19.69 -13.01
N GLU B 234 0.01 18.39 -13.07
CA GLU B 234 1.28 17.82 -12.64
C GLU B 234 2.19 17.58 -13.85
N ASP B 235 1.57 17.29 -14.99
CA ASP B 235 2.28 17.04 -16.23
C ASP B 235 3.00 18.31 -16.68
N HIS B 236 4.33 18.29 -16.62
CA HIS B 236 5.14 19.47 -16.93
CA HIS B 236 5.13 19.48 -16.92
C HIS B 236 5.09 19.84 -18.41
N VAL B 237 4.79 18.87 -19.26
CA VAL B 237 4.64 19.15 -20.69
C VAL B 237 3.38 20.01 -20.90
N ALA B 238 2.31 19.66 -20.19
CA ALA B 238 1.05 20.40 -20.29
C ALA B 238 1.18 21.81 -19.71
N VAL B 239 1.87 21.92 -18.58
CA VAL B 239 2.14 23.22 -17.97
C VAL B 239 2.87 24.12 -18.96
N THR B 240 3.83 23.54 -19.67
CA THR B 240 4.57 24.25 -20.71
C THR B 240 3.63 24.73 -21.80
N GLU B 241 2.78 23.84 -22.29
CA GLU B 241 1.82 24.19 -23.34
C GLU B 241 0.88 25.30 -22.90
N LEU B 242 0.53 25.30 -21.62
CA LEU B 242 -0.46 26.24 -21.08
C LEU B 242 0.14 27.59 -20.71
N LEU B 243 1.40 27.60 -20.27
CA LEU B 243 1.97 28.82 -19.69
C LEU B 243 3.12 29.43 -20.47
N ASN B 244 3.68 28.70 -21.44
CA ASN B 244 4.79 29.23 -22.22
C ASN B 244 4.34 30.39 -23.09
N GLY B 245 5.17 31.41 -23.18
CA GLY B 245 4.86 32.58 -23.98
C GLY B 245 6.10 33.33 -24.43
N VAL B 246 5.90 34.43 -25.14
CA VAL B 246 7.01 35.25 -25.62
C VAL B 246 7.23 36.46 -24.73
N HIS B 247 6.57 36.45 -23.57
CA HIS B 247 6.68 37.55 -22.64
C HIS B 247 6.44 37.10 -21.19
N ASP B 248 7.36 37.44 -20.31
CA ASP B 248 7.20 37.16 -18.89
C ASP B 248 6.21 38.15 -18.27
N SER B 249 5.03 37.65 -17.90
CA SER B 249 4.00 38.50 -17.34
C SER B 249 4.31 38.85 -15.89
N GLY B 250 3.89 40.04 -15.47
CA GLY B 250 4.15 40.50 -14.12
C GLY B 250 3.32 39.77 -13.08
N LEU B 251 3.58 40.08 -11.81
CA LEU B 251 2.84 39.48 -10.72
C LEU B 251 1.44 40.08 -10.59
N VAL B 252 0.43 39.23 -10.59
CA VAL B 252 -0.94 39.69 -10.39
C VAL B 252 -1.26 39.73 -8.91
N ASP B 253 -2.39 40.33 -8.56
CA ASP B 253 -2.84 40.39 -7.17
C ASP B 253 -3.60 39.12 -6.82
N TYR B 254 -2.94 38.21 -6.09
CA TYR B 254 -3.54 36.92 -5.77
C TYR B 254 -4.56 37.03 -4.65
N SER B 255 -4.68 38.22 -4.07
CA SER B 255 -5.78 38.51 -3.17
C SER B 255 -7.08 38.41 -3.97
N GLN B 256 -7.07 38.99 -5.16
CA GLN B 256 -8.22 38.99 -6.05
C GLN B 256 -8.42 37.63 -6.69
N VAL B 257 -7.32 36.96 -7.01
CA VAL B 257 -7.36 35.63 -7.60
C VAL B 257 -8.09 34.64 -6.69
N LEU B 258 -7.69 34.63 -5.41
CA LEU B 258 -8.33 33.75 -4.43
C LEU B 258 -9.78 34.15 -4.20
N ASN B 259 -10.06 35.45 -4.23
CA ASN B 259 -11.43 35.94 -4.08
C ASN B 259 -12.36 35.40 -5.15
N ARG B 260 -11.86 35.37 -6.39
CA ARG B 260 -12.65 34.86 -7.51
C ARG B 260 -12.78 33.35 -7.46
N LEU B 261 -11.85 32.69 -6.76
CA LEU B 261 -11.92 31.25 -6.57
C LEU B 261 -12.98 30.89 -5.54
N ASP B 262 -13.17 31.76 -4.55
CA ASP B 262 -14.19 31.55 -3.53
C ASP B 262 -15.59 31.75 -4.12
N GLN B 263 -15.69 32.70 -5.03
CA GLN B 263 -16.95 32.96 -5.73
C GLN B 263 -17.21 31.87 -6.76
N SER B 264 -16.15 31.14 -7.13
CA SER B 264 -16.24 30.05 -8.09
C SER B 264 -16.90 28.82 -7.47
N MET B 265 -16.76 28.67 -6.16
CA MET B 265 -17.27 27.49 -5.47
C MET B 265 -18.81 27.51 -5.39
N LEU B 266 -19.39 28.70 -5.39
CA LEU B 266 -20.84 28.84 -5.38
C LEU B 266 -21.35 29.13 -6.79
N SER B 267 -20.58 28.73 -7.79
CA SER B 267 -20.95 28.95 -9.19
C SER B 267 -21.39 27.65 -9.85
N LEU B 268 -22.33 27.77 -10.78
CA LEU B 268 -22.79 26.62 -11.55
C LEU B 268 -22.09 26.57 -12.91
N ALA B 269 -20.78 26.81 -12.90
CA ALA B 269 -20.00 26.84 -14.13
C ALA B 269 -19.01 25.68 -14.19
N ASP B 270 -19.43 24.59 -14.82
CA ASP B 270 -18.56 23.44 -15.04
C ASP B 270 -17.81 23.57 -16.36
N SER B 271 -17.32 24.77 -16.63
CA SER B 271 -16.61 25.06 -17.87
C SER B 271 -15.30 24.27 -17.95
N ARG B 272 -14.91 23.89 -19.17
CA ARG B 272 -13.65 23.18 -19.38
C ARG B 272 -12.52 24.18 -19.54
N LEU B 273 -11.84 24.47 -18.44
CA LEU B 273 -10.80 25.49 -18.41
C LEU B 273 -9.59 25.10 -19.25
N ILE B 274 -9.38 23.79 -19.42
CA ILE B 274 -8.23 23.29 -20.16
C ILE B 274 -8.61 22.80 -21.55
N PRO B 275 -7.92 23.31 -22.58
CA PRO B 275 -8.14 23.00 -24.00
C PRO B 275 -8.19 21.50 -24.32
N GLU B 276 -8.77 21.18 -25.46
CA GLU B 276 -9.01 19.79 -25.87
C GLU B 276 -7.73 18.97 -26.02
N ASP B 277 -6.83 19.44 -26.88
CA ASP B 277 -5.63 18.68 -27.23
C ASP B 277 -4.64 18.57 -26.08
N VAL B 278 -4.65 19.55 -25.17
CA VAL B 278 -3.78 19.52 -24.00
C VAL B 278 -4.13 18.32 -23.12
N ILE B 279 -5.43 18.08 -22.96
CA ILE B 279 -5.92 16.93 -22.22
C ILE B 279 -5.49 15.63 -22.87
N LYS B 280 -5.55 15.60 -24.20
CA LYS B 280 -5.11 14.43 -24.97
C LYS B 280 -3.68 14.03 -24.63
N GLY B 281 -2.82 15.03 -24.48
CA GLY B 281 -1.43 14.80 -24.14
C GLY B 281 -1.25 14.27 -22.72
N ILE B 282 -1.93 14.90 -21.77
CA ILE B 282 -1.86 14.49 -20.37
C ILE B 282 -2.26 13.04 -20.17
N GLU B 283 -3.29 12.62 -20.90
CA GLU B 283 -3.79 11.25 -20.80
C GLU B 283 -2.81 10.23 -21.40
N LYS B 284 -2.37 10.50 -22.63
CA LYS B 284 -1.46 9.61 -23.33
C LYS B 284 -0.19 9.34 -22.51
N ARG B 285 0.30 10.39 -21.86
CA ARG B 285 1.50 10.27 -21.04
C ARG B 285 1.19 9.62 -19.69
N ALA B 286 -0.06 9.74 -19.26
CA ALA B 286 -0.48 9.13 -18.00
C ALA B 286 -0.53 7.62 -18.12
N GLU B 287 -1.05 7.14 -19.25
CA GLU B 287 -1.15 5.71 -19.51
C GLU B 287 0.23 5.08 -19.67
N MET B 288 1.15 5.82 -20.27
CA MET B 288 2.51 5.34 -20.48
C MET B 288 3.31 5.33 -19.18
N LYS B 289 2.80 6.02 -18.16
CA LYS B 289 3.46 6.05 -16.86
C LYS B 289 2.91 4.96 -15.97
N ASN B 290 1.67 4.53 -16.25
CA ASN B 290 1.06 3.42 -15.54
C ASN B 290 1.66 2.08 -15.98
N LEU B 291 2.47 2.14 -17.03
CA LEU B 291 3.13 0.95 -17.56
C LEU B 291 4.64 1.00 -17.29
N ARG B 292 5.15 2.21 -17.08
CA ARG B 292 6.57 2.40 -16.75
C ARG B 292 6.82 1.98 -15.30
N PHE B 293 5.74 1.68 -14.58
CA PHE B 293 5.82 1.11 -13.26
C PHE B 293 6.74 -0.10 -13.22
N ASP B 294 6.65 -0.92 -14.27
CA ASP B 294 7.34 -2.20 -14.35
C ASP B 294 6.92 -3.10 -13.18
N MET B 295 5.80 -2.73 -12.55
CA MET B 295 5.27 -3.40 -11.36
C MET B 295 6.35 -3.98 -10.45
N MET B 296 7.03 -3.10 -9.72
CA MET B 296 8.06 -3.55 -8.76
C MET B 296 7.44 -4.24 -7.55
N PHE B 297 6.28 -4.84 -7.75
CA PHE B 297 5.64 -5.72 -6.79
C PHE B 297 5.34 -7.05 -7.46
N LYS B 298 4.69 -6.97 -8.61
CA LYS B 298 4.31 -8.16 -9.37
C LYS B 298 5.52 -8.73 -10.13
N LYS B 299 6.20 -7.87 -10.88
CA LYS B 299 7.41 -8.28 -11.58
C LYS B 299 8.49 -8.70 -10.59
N LEU B 300 8.44 -8.13 -9.39
CA LEU B 300 9.36 -8.49 -8.33
C LEU B 300 9.22 -9.97 -7.99
N ASN B 301 7.98 -10.44 -7.89
CA ASN B 301 7.72 -11.85 -7.65
C ASN B 301 8.04 -12.70 -8.87
N ASP B 302 7.85 -12.12 -10.06
CA ASP B 302 8.19 -12.81 -11.31
C ASP B 302 9.68 -13.07 -11.40
N MET B 303 10.47 -12.17 -10.81
CA MET B 303 11.92 -12.28 -10.78
CA MET B 303 11.91 -12.33 -10.83
C MET B 303 12.36 -13.41 -9.86
N LYS B 304 11.76 -13.45 -8.67
CA LYS B 304 12.08 -14.48 -7.69
C LYS B 304 11.73 -15.86 -8.25
N ILE B 305 10.65 -15.92 -9.02
CA ILE B 305 10.23 -17.17 -9.66
C ILE B 305 11.24 -17.62 -10.70
N SER B 306 11.67 -16.69 -11.54
CA SER B 306 12.65 -17.00 -12.59
C SER B 306 14.00 -17.37 -12.00
N MET B 307 14.39 -16.69 -10.92
CA MET B 307 15.63 -17.02 -10.24
C MET B 307 15.55 -18.42 -9.63
N ALA B 308 14.37 -18.78 -9.14
CA ALA B 308 14.14 -20.11 -8.59
C ALA B 308 14.29 -21.17 -9.67
N TYR B 309 13.82 -20.86 -10.88
CA TYR B 309 13.97 -21.75 -12.01
C TYR B 309 15.44 -21.94 -12.38
N ILE B 310 16.20 -20.85 -12.34
CA ILE B 310 17.63 -20.89 -12.63
C ILE B 310 18.35 -21.77 -11.62
N GLU B 311 17.97 -21.63 -10.35
CA GLU B 311 18.57 -22.41 -9.27
C GLU B 311 18.26 -23.90 -9.45
N TRP B 312 17.06 -24.20 -9.91
CA TRP B 312 16.66 -25.57 -10.23
C TRP B 312 17.49 -26.10 -11.39
N TYR B 313 17.61 -25.29 -12.43
CA TYR B 313 18.41 -25.60 -13.61
C TYR B 313 19.86 -25.89 -13.23
N LYS B 314 20.41 -25.04 -12.35
CA LYS B 314 21.79 -25.18 -11.89
C LYS B 314 22.01 -26.50 -11.15
N LYS B 315 21.03 -26.90 -10.35
CA LYS B 315 21.10 -28.16 -9.61
C LYS B 315 21.08 -29.36 -10.54
N LYS B 316 20.23 -29.30 -11.56
CA LYS B 316 20.11 -30.39 -12.53
C LYS B 316 21.39 -30.57 -13.33
N CYS B 317 22.01 -29.45 -13.73
CA CYS B 317 23.25 -29.49 -14.49
C CYS B 317 24.42 -30.01 -13.65
N LYS B 318 24.35 -29.77 -12.35
CA LYS B 318 25.35 -30.28 -11.42
C LYS B 318 25.28 -31.80 -11.31
N GLU B 319 24.06 -32.32 -11.22
CA GLU B 319 23.85 -33.75 -11.01
C GLU B 319 24.27 -34.60 -12.21
N VAL B 320 24.30 -33.99 -13.39
CA VAL B 320 24.77 -34.70 -14.58
C VAL B 320 26.23 -34.38 -14.88
N LYS B 321 26.91 -33.81 -13.90
CA LYS B 321 28.35 -33.60 -13.91
C LYS B 321 28.84 -32.66 -15.01
N ILE B 322 28.03 -31.67 -15.37
CA ILE B 322 28.41 -30.74 -16.43
C ILE B 322 28.54 -29.31 -15.90
N GLY B 323 27.61 -28.89 -15.06
CA GLY B 323 27.58 -27.53 -14.57
C GLY B 323 26.74 -26.66 -15.49
N TYR B 324 26.03 -25.69 -14.92
CA TYR B 324 25.05 -24.94 -15.70
C TYR B 324 25.71 -24.01 -16.71
N TYR B 325 26.96 -23.62 -16.47
CA TYR B 325 27.67 -22.79 -17.44
C TYR B 325 27.81 -23.50 -18.78
N ASP B 326 28.35 -24.71 -18.75
CA ASP B 326 28.63 -25.47 -19.97
C ASP B 326 27.38 -26.08 -20.58
N ARG B 327 26.41 -26.44 -19.74
CA ARG B 327 25.15 -26.98 -20.24
C ARG B 327 24.39 -25.90 -21.01
N PHE B 328 24.40 -24.68 -20.47
CA PHE B 328 23.80 -23.54 -21.14
C PHE B 328 24.47 -23.28 -22.48
N LYS B 329 25.80 -23.24 -22.46
CA LYS B 329 26.60 -23.00 -23.66
C LYS B 329 26.36 -24.07 -24.71
N THR B 330 26.27 -25.32 -24.26
CA THR B 330 26.04 -26.45 -25.14
C THR B 330 24.66 -26.37 -25.82
N GLN B 331 23.63 -26.14 -25.03
CA GLN B 331 22.27 -26.06 -25.56
C GLN B 331 22.08 -24.80 -26.40
N LEU B 332 22.93 -23.80 -26.18
CA LEU B 332 22.91 -22.60 -27.00
C LEU B 332 23.45 -22.92 -28.39
N ALA B 333 24.47 -23.77 -28.45
CA ALA B 333 25.06 -24.19 -29.72
C ALA B 333 24.20 -25.23 -30.43
N PHE B 334 23.57 -26.11 -29.65
CA PHE B 334 22.72 -27.16 -30.20
C PHE B 334 21.51 -27.39 -29.31
N PRO B 335 20.43 -26.62 -29.52
CA PRO B 335 19.19 -26.74 -28.74
C PRO B 335 18.48 -28.08 -28.95
N SER B 336 18.31 -28.85 -27.87
CA SER B 336 17.67 -30.16 -27.97
C SER B 336 16.79 -30.48 -26.76
N LYS B 337 16.85 -29.64 -25.73
CA LYS B 337 16.02 -29.84 -24.54
C LYS B 337 15.13 -28.64 -24.27
N GLU B 338 13.82 -28.88 -24.19
CA GLU B 338 12.85 -27.82 -24.03
C GLU B 338 13.04 -27.02 -22.73
N PHE B 339 13.40 -27.73 -21.66
CA PHE B 339 13.63 -27.08 -20.37
C PHE B 339 14.76 -26.06 -20.46
N ASP B 340 15.87 -26.48 -21.08
CA ASP B 340 17.03 -25.60 -21.23
C ASP B 340 16.70 -24.41 -22.13
N ILE B 341 15.95 -24.67 -23.20
CA ILE B 341 15.55 -23.62 -24.12
C ILE B 341 14.67 -22.59 -23.42
N ASN B 342 13.77 -23.08 -22.57
CA ASN B 342 12.89 -22.21 -21.80
C ASN B 342 13.67 -21.36 -20.80
N ILE B 343 14.68 -21.95 -20.19
CA ILE B 343 15.56 -21.24 -19.26
C ILE B 343 16.21 -20.04 -19.93
N LYS B 344 16.69 -20.22 -21.15
CA LYS B 344 17.31 -19.14 -21.89
C LYS B 344 16.30 -18.10 -22.39
N ASN B 345 15.27 -18.58 -23.08
CA ASN B 345 14.35 -17.69 -23.78
C ASN B 345 13.40 -16.92 -22.88
N HIS B 346 13.02 -17.51 -21.74
CA HIS B 346 12.11 -16.82 -20.84
C HIS B 346 12.78 -16.32 -19.57
N HIS B 347 13.29 -17.24 -18.76
CA HIS B 347 13.74 -16.91 -17.42
C HIS B 347 15.01 -16.06 -17.38
N LYS B 348 15.99 -16.37 -18.22
CA LYS B 348 17.19 -15.55 -18.28
C LYS B 348 16.88 -14.17 -18.84
N SER B 349 16.13 -14.14 -19.93
CA SER B 349 15.77 -12.88 -20.57
C SER B 349 14.91 -12.01 -19.66
N GLU B 350 14.02 -12.63 -18.90
CA GLU B 350 13.20 -11.91 -17.94
C GLU B 350 14.05 -11.25 -16.86
N LEU B 351 15.05 -11.98 -16.40
CA LEU B 351 15.95 -11.47 -15.37
C LEU B 351 16.84 -10.35 -15.90
N ASN B 352 17.35 -10.53 -17.12
CA ASN B 352 18.14 -9.49 -17.77
C ASN B 352 17.33 -8.22 -17.96
N ARG B 353 16.09 -8.40 -18.43
CA ARG B 353 15.19 -7.28 -18.68
C ARG B 353 14.94 -6.49 -17.41
N PHE B 354 14.67 -7.21 -16.32
CA PHE B 354 14.36 -6.60 -15.03
C PHE B 354 15.54 -5.79 -14.48
N TRP B 355 16.70 -6.41 -14.39
CA TRP B 355 17.84 -5.80 -13.73
C TRP B 355 18.48 -4.69 -14.54
N LYS B 356 18.33 -4.74 -15.86
CA LYS B 356 18.73 -3.62 -16.71
C LYS B 356 17.86 -2.42 -16.40
N SER B 357 16.56 -2.65 -16.22
CA SER B 357 15.63 -1.58 -15.91
C SER B 357 15.87 -1.01 -14.52
N VAL B 358 16.23 -1.88 -13.58
CA VAL B 358 16.57 -1.47 -12.23
C VAL B 358 17.78 -0.54 -12.24
N VAL B 359 18.79 -0.88 -13.04
CA VAL B 359 19.98 -0.06 -13.17
C VAL B 359 19.65 1.29 -13.79
N GLU B 360 18.86 1.28 -14.85
CA GLU B 360 18.40 2.52 -15.49
C GLU B 360 17.64 3.41 -14.50
N GLU B 361 16.80 2.79 -13.69
CA GLU B 361 15.96 3.52 -12.76
C GLU B 361 16.79 4.18 -11.65
N VAL B 362 17.80 3.47 -11.17
CA VAL B 362 18.71 4.01 -10.17
C VAL B 362 19.44 5.24 -10.74
N GLU B 363 19.82 5.15 -12.01
CA GLU B 363 20.65 6.17 -12.63
C GLU B 363 19.92 7.47 -12.94
N ARG B 364 18.60 7.44 -13.00
CA ARG B 364 17.84 8.64 -13.34
C ARG B 364 17.28 9.34 -12.09
N ARG B 365 17.30 8.65 -10.95
CA ARG B 365 16.85 9.25 -9.71
C ARG B 365 17.97 10.06 -9.06
N PRO B 366 17.61 11.15 -8.35
CA PRO B 366 18.62 11.88 -7.59
C PRO B 366 19.25 10.99 -6.54
N GLN B 367 20.49 11.29 -6.15
CA GLN B 367 21.27 10.43 -5.26
C GLN B 367 20.51 10.03 -3.99
N SER B 368 19.71 10.97 -3.47
CA SER B 368 18.93 10.73 -2.26
C SER B 368 17.93 9.58 -2.44
N ASP B 369 17.19 9.61 -3.54
CA ASP B 369 16.21 8.56 -3.83
C ASP B 369 16.90 7.32 -4.37
N ALA B 370 18.00 7.52 -5.09
CA ALA B 370 18.72 6.41 -5.69
C ALA B 370 19.37 5.52 -4.64
N SER B 371 19.90 6.14 -3.59
CA SER B 371 20.57 5.41 -2.52
C SER B 371 19.61 4.46 -1.81
N ILE B 372 18.37 4.90 -1.65
CA ILE B 372 17.33 4.09 -1.03
C ILE B 372 17.03 2.85 -1.89
N LEU B 373 16.91 3.07 -3.20
CA LEU B 373 16.61 2.00 -4.13
C LEU B 373 17.77 1.01 -4.24
N LYS B 374 18.99 1.50 -4.07
CA LYS B 374 20.18 0.67 -4.14
C LYS B 374 20.27 -0.28 -2.93
N ARG B 375 19.89 0.23 -1.76
CA ARG B 375 19.91 -0.59 -0.55
C ARG B 375 18.90 -1.74 -0.64
N ARG B 376 17.78 -1.48 -1.29
CA ARG B 376 16.73 -2.49 -1.42
C ARG B 376 17.16 -3.67 -2.30
N PHE B 377 18.03 -3.39 -3.27
CA PHE B 377 18.46 -4.41 -4.22
C PHE B 377 19.94 -4.75 -4.10
N LEU B 378 20.52 -4.50 -2.93
CA LEU B 378 21.94 -4.78 -2.69
C LEU B 378 22.24 -6.26 -2.87
N PHE B 379 21.69 -7.08 -1.97
CA PHE B 379 21.94 -8.52 -1.97
C PHE B 379 21.47 -9.21 -3.26
N SER B 380 20.20 -8.99 -3.59
CA SER B 380 19.58 -9.66 -4.72
C SER B 380 20.24 -9.33 -6.06
N GLY B 381 20.72 -8.10 -6.20
CA GLY B 381 21.40 -7.69 -7.42
C GLY B 381 22.76 -8.34 -7.52
N ASN B 382 23.45 -8.43 -6.39
CA ASN B 382 24.74 -9.09 -6.33
C ASN B 382 24.62 -10.58 -6.66
N ASN B 383 23.53 -11.19 -6.17
CA ASN B 383 23.26 -12.59 -6.41
C ASN B 383 22.87 -12.86 -7.86
N TYR B 384 22.13 -11.93 -8.45
CA TYR B 384 21.73 -12.04 -9.85
C TYR B 384 22.94 -12.02 -10.78
N ARG B 385 23.83 -11.06 -10.54
CA ARG B 385 25.03 -10.91 -11.38
C ARG B 385 25.90 -12.16 -11.34
N ARG B 386 26.20 -12.63 -10.13
CA ARG B 386 27.07 -13.80 -9.97
C ARG B 386 26.41 -15.07 -10.53
N MET B 387 25.09 -15.06 -10.63
CA MET B 387 24.37 -16.21 -11.16
C MET B 387 24.23 -16.14 -12.68
N ILE B 388 23.93 -14.96 -13.21
CA ILE B 388 23.50 -14.84 -14.60
C ILE B 388 24.59 -14.33 -15.56
N GLU B 389 25.48 -13.45 -15.10
CA GLU B 389 26.57 -12.99 -15.97
C GLU B 389 27.42 -14.13 -16.56
N PRO B 390 27.66 -15.22 -15.80
CA PRO B 390 28.27 -16.39 -16.44
C PRO B 390 27.56 -16.86 -17.72
N LEU B 391 26.24 -16.78 -17.75
CA LEU B 391 25.48 -17.25 -18.91
C LEU B 391 25.65 -16.33 -20.12
N ASP B 392 25.74 -15.04 -19.87
CA ASP B 392 26.01 -14.08 -20.93
C ASP B 392 27.44 -14.23 -21.45
N ILE B 393 28.34 -14.61 -20.55
CA ILE B 393 29.73 -14.89 -20.91
C ILE B 393 29.80 -16.08 -21.87
N ALA B 394 29.03 -17.11 -21.55
CA ALA B 394 28.97 -18.31 -22.38
C ALA B 394 28.57 -17.97 -23.81
N GLU B 395 27.53 -17.15 -23.94
CA GLU B 395 27.06 -16.70 -25.24
C GLU B 395 28.11 -15.86 -25.95
N TYR B 396 28.73 -14.96 -25.20
CA TYR B 396 29.75 -14.06 -25.71
C TYR B 396 30.86 -14.82 -26.44
N TYR B 397 31.42 -15.84 -25.78
CA TYR B 397 32.54 -16.58 -26.35
C TYR B 397 32.10 -17.62 -27.37
N LEU B 398 30.86 -18.11 -27.24
CA LEU B 398 30.32 -18.99 -28.26
C LEU B 398 30.16 -18.21 -29.56
N GLU B 399 29.88 -16.92 -29.44
CA GLU B 399 29.74 -16.05 -30.61
C GLU B 399 31.09 -15.66 -31.19
N GLY B 400 32.16 -16.14 -30.57
CA GLY B 400 33.50 -15.93 -31.07
C GLY B 400 34.10 -14.58 -30.71
N ARG B 401 33.54 -13.94 -29.69
CA ARG B 401 34.03 -12.64 -29.25
C ARG B 401 35.13 -12.79 -28.21
N LYS B 402 35.95 -11.75 -28.05
CA LYS B 402 37.14 -11.85 -27.20
C LYS B 402 37.17 -10.81 -26.10
N GLU B 403 37.99 -11.06 -25.07
CA GLU B 403 38.25 -10.12 -23.98
C GLU B 403 36.98 -9.56 -23.36
N TYR B 404 36.19 -10.44 -22.75
CA TYR B 404 34.90 -10.05 -22.20
C TYR B 404 35.01 -8.99 -21.11
N ARG B 405 35.90 -9.22 -20.15
CA ARG B 405 35.99 -8.37 -18.96
C ARG B 405 36.25 -6.90 -19.29
N THR B 406 37.04 -6.65 -20.33
CA THR B 406 37.44 -5.28 -20.65
C THR B 406 36.67 -4.67 -21.84
N THR B 407 36.06 -5.51 -22.66
CA THR B 407 35.41 -5.01 -23.88
C THR B 407 33.95 -5.45 -24.09
N GLY B 408 33.48 -6.44 -23.33
CA GLY B 408 32.16 -7.01 -23.61
C GLY B 408 31.08 -7.01 -22.53
N ARG B 409 31.42 -6.59 -21.31
CA ARG B 409 30.44 -6.60 -20.21
C ARG B 409 29.27 -5.67 -20.46
N SER B 410 28.05 -6.17 -20.24
CA SER B 410 26.86 -5.33 -20.29
C SER B 410 26.95 -4.27 -19.20
N HIS B 411 26.51 -3.06 -19.51
CA HIS B 411 26.61 -1.93 -18.60
C HIS B 411 26.02 -2.22 -17.22
N HIS B 412 24.87 -2.88 -17.19
CA HIS B 412 24.14 -3.07 -15.94
C HIS B 412 24.89 -4.02 -15.00
N TYR B 413 25.62 -4.98 -15.56
CA TYR B 413 26.49 -5.85 -14.76
C TYR B 413 27.57 -5.03 -14.07
N VAL B 414 28.20 -4.15 -14.83
CA VAL B 414 29.28 -3.31 -14.32
C VAL B 414 28.80 -2.40 -13.20
N MET B 415 27.61 -1.83 -13.37
CA MET B 415 27.04 -0.94 -12.36
C MET B 415 26.66 -1.70 -11.09
N LEU B 416 26.05 -2.87 -11.27
CA LEU B 416 25.67 -3.70 -10.13
C LEU B 416 26.88 -4.08 -9.29
N GLU B 417 27.97 -4.48 -9.94
CA GLU B 417 29.20 -4.81 -9.24
C GLU B 417 29.80 -3.57 -8.59
N LYS B 418 29.73 -2.45 -9.29
CA LYS B 418 30.25 -1.18 -8.79
C LYS B 418 29.55 -0.77 -7.50
N TRP B 419 28.24 -0.99 -7.44
CA TRP B 419 27.44 -0.59 -6.31
C TRP B 419 27.46 -1.60 -5.17
N PHE B 420 27.38 -2.89 -5.51
CA PHE B 420 27.10 -3.92 -4.53
C PHE B 420 28.24 -4.92 -4.32
N GLY B 421 29.34 -4.74 -5.03
CA GLY B 421 30.41 -5.73 -5.01
C GLY B 421 31.50 -5.48 -3.98
N MET B 422 31.31 -4.52 -3.10
CA MET B 422 32.35 -4.16 -2.14
C MET B 422 31.92 -4.35 -0.69
N GLU B 423 30.64 -4.11 -0.41
CA GLU B 423 30.15 -4.13 0.97
C GLU B 423 29.80 -5.54 1.45
N SER B 424 28.85 -6.17 0.76
CA SER B 424 28.34 -7.48 1.19
C SER B 424 29.36 -8.60 1.03
N ILE B 425 30.43 -8.33 0.28
CA ILE B 425 31.44 -9.35 0.00
C ILE B 425 32.28 -9.67 1.23
N LEU B 426 32.23 -8.80 2.23
CA LEU B 426 33.02 -8.98 3.44
C LEU B 426 32.32 -9.88 4.45
N ILE B 427 31.00 -9.75 4.53
CA ILE B 427 30.21 -10.52 5.49
C ILE B 427 29.91 -11.92 4.96
N GLU B 428 29.79 -12.04 3.65
CA GLU B 428 29.48 -13.31 3.01
C GLU B 428 30.67 -14.26 3.07
N LYS B 429 31.87 -13.72 2.89
CA LYS B 429 33.09 -14.51 2.99
C LYS B 429 33.34 -14.97 4.42
N GLU B 430 32.78 -14.23 5.37
CA GLU B 430 32.89 -14.59 6.78
C GLU B 430 32.21 -15.93 7.04
N ARG B 431 31.03 -16.11 6.44
CA ARG B 431 30.28 -17.34 6.60
C ARG B 431 30.87 -18.49 5.80
N CYS B 432 31.53 -18.16 4.70
CA CYS B 432 32.09 -19.17 3.80
C CYS B 432 33.50 -19.61 4.20
N LYS B 433 33.78 -19.62 5.49
CA LYS B 433 35.06 -20.09 5.99
C LYS B 433 34.89 -21.34 6.83
N LYS B 434 33.64 -21.63 7.21
CA LYS B 434 33.33 -22.83 7.98
C LYS B 434 32.19 -23.63 7.35
N ARG B 435 31.40 -22.98 6.51
CA ARG B 435 30.25 -23.61 5.90
C ARG B 435 30.60 -24.33 4.59
N ASP B 436 29.74 -25.26 4.20
CA ASP B 436 29.90 -25.98 2.94
C ASP B 436 29.61 -25.05 1.76
N LEU B 437 30.33 -25.22 0.67
CA LEU B 437 30.29 -24.26 -0.44
C LEU B 437 29.47 -24.73 -1.64
N SER B 438 28.62 -25.73 -1.46
CA SER B 438 27.83 -26.27 -2.57
C SER B 438 26.95 -25.22 -3.25
N ASP B 439 26.45 -24.27 -2.47
CA ASP B 439 25.53 -23.26 -3.00
C ASP B 439 26.24 -21.95 -3.31
N LEU B 440 27.55 -21.89 -3.06
CA LEU B 440 28.30 -20.66 -3.29
C LEU B 440 28.36 -20.28 -4.75
N LEU B 441 27.92 -19.06 -5.06
CA LEU B 441 28.11 -18.50 -6.38
C LEU B 441 29.48 -17.84 -6.41
N THR B 442 30.29 -18.21 -7.40
CA THR B 442 31.64 -17.65 -7.55
C THR B 442 31.62 -16.13 -7.49
N PHE B 443 32.41 -15.57 -6.58
CA PHE B 443 32.40 -14.14 -6.32
C PHE B 443 32.78 -13.31 -7.54
N ASP B 444 33.86 -13.69 -8.22
CA ASP B 444 34.23 -13.03 -9.46
C ASP B 444 33.30 -13.51 -10.58
N SER B 445 32.34 -12.66 -10.94
CA SER B 445 31.33 -13.01 -11.93
C SER B 445 31.89 -13.08 -13.34
N CYS B 446 33.18 -12.76 -13.48
CA CYS B 446 33.86 -12.87 -14.76
C CYS B 446 34.83 -14.05 -14.78
N PHE B 447 34.68 -14.96 -13.83
CA PHE B 447 35.55 -16.13 -13.72
C PHE B 447 35.63 -16.91 -15.03
N TRP B 448 34.48 -17.20 -15.60
CA TRP B 448 34.42 -18.02 -16.80
C TRP B 448 35.02 -17.32 -18.02
N ALA B 449 35.06 -15.99 -17.98
CA ALA B 449 35.73 -15.23 -19.03
C ALA B 449 37.23 -15.47 -18.96
N GLU B 450 37.74 -15.57 -17.74
CA GLU B 450 39.16 -15.88 -17.52
C GLU B 450 39.49 -17.27 -18.06
N VAL B 451 38.60 -18.22 -17.81
CA VAL B 451 38.79 -19.59 -18.30
C VAL B 451 38.78 -19.62 -19.83
N GLU B 452 37.82 -18.94 -20.44
CA GLU B 452 37.72 -18.88 -21.89
C GLU B 452 38.94 -18.21 -22.52
N ASP B 453 39.43 -17.15 -21.87
CA ASP B 453 40.60 -16.42 -22.37
C ASP B 453 41.84 -17.31 -22.35
N SER B 454 42.00 -18.08 -21.27
CA SER B 454 43.17 -18.94 -21.14
C SER B 454 43.12 -20.11 -22.12
N LEU B 455 41.92 -20.59 -22.41
CA LEU B 455 41.72 -21.62 -23.42
C LEU B 455 42.17 -21.13 -24.78
N ILE B 456 41.85 -19.87 -25.08
CA ILE B 456 42.25 -19.24 -26.33
C ILE B 456 43.77 -19.13 -26.41
N VAL B 457 44.40 -18.76 -25.29
CA VAL B 457 45.85 -18.69 -25.22
C VAL B 457 46.49 -20.04 -25.55
N ILE B 458 45.98 -21.10 -24.91
CA ILE B 458 46.48 -22.45 -25.14
C ILE B 458 46.32 -22.87 -26.61
N ASN B 459 45.17 -22.58 -27.19
CA ASN B 459 44.92 -22.93 -28.58
C ASN B 459 45.86 -22.18 -29.53
N GLN B 460 46.16 -20.93 -29.20
CA GLN B 460 47.12 -20.14 -29.98
C GLN B 460 48.50 -20.77 -29.90
N LEU B 461 48.90 -21.17 -28.71
CA LEU B 461 50.21 -21.79 -28.50
C LEU B 461 50.32 -23.13 -29.23
N ASN B 462 49.20 -23.84 -29.34
CA ASN B 462 49.20 -25.15 -29.95
C ASN B 462 49.13 -25.12 -31.48
N THR B 463 48.40 -24.16 -32.04
CA THR B 463 48.04 -24.21 -33.45
C THR B 463 48.66 -23.12 -34.33
N THR B 464 49.05 -22.00 -33.73
CA THR B 464 49.63 -20.91 -34.52
C THR B 464 50.97 -21.29 -35.12
N VAL B 465 51.02 -21.37 -36.44
CA VAL B 465 52.23 -21.74 -37.14
C VAL B 465 53.16 -20.54 -37.35
N GLY B 466 54.45 -20.75 -37.09
CA GLY B 466 55.44 -19.71 -37.28
C GLY B 466 55.33 -18.58 -36.27
N MET B 467 54.87 -18.89 -35.07
CA MET B 467 54.82 -17.91 -33.99
C MET B 467 56.22 -17.58 -33.50
N ARG B 468 56.51 -16.29 -33.35
CA ARG B 468 57.81 -15.86 -32.88
C ARG B 468 58.01 -16.30 -31.42
N ASP B 469 59.27 -16.49 -31.04
CA ASP B 469 59.59 -16.99 -29.71
C ASP B 469 59.28 -15.97 -28.61
N ASP B 470 59.31 -14.69 -28.95
CA ASP B 470 59.04 -13.65 -27.97
C ASP B 470 57.54 -13.55 -27.70
N VAL B 471 56.73 -13.75 -28.75
CA VAL B 471 55.28 -13.76 -28.62
C VAL B 471 54.85 -14.96 -27.78
N ARG B 472 55.58 -16.06 -27.94
CA ARG B 472 55.28 -17.28 -27.20
C ARG B 472 55.53 -17.09 -25.70
N GLU B 473 56.58 -16.35 -25.37
CA GLU B 473 56.91 -16.09 -23.97
C GLU B 473 55.84 -15.22 -23.31
N VAL B 474 55.28 -14.29 -24.08
CA VAL B 474 54.20 -13.44 -23.58
C VAL B 474 52.97 -14.25 -23.23
N LEU B 475 52.57 -15.14 -24.14
CA LEU B 475 51.41 -15.99 -23.94
C LEU B 475 51.61 -16.97 -22.79
N THR B 476 52.84 -17.47 -22.67
CA THR B 476 53.19 -18.38 -21.58
C THR B 476 53.04 -17.69 -20.24
N ARG B 477 53.35 -16.40 -20.20
CA ARG B 477 53.18 -15.61 -19.00
C ARG B 477 51.70 -15.48 -18.63
N LYS B 478 50.85 -15.35 -19.65
CA LYS B 478 49.40 -15.30 -19.45
C LYS B 478 48.90 -16.55 -18.75
N LEU B 479 49.41 -17.71 -19.18
CA LEU B 479 49.04 -18.99 -18.58
C LEU B 479 49.37 -19.02 -17.09
N VAL B 480 50.59 -18.61 -16.77
CA VAL B 480 51.04 -18.58 -15.38
C VAL B 480 50.21 -17.59 -14.56
N GLU B 481 49.89 -16.46 -15.17
CA GLU B 481 49.02 -15.46 -14.54
C GLU B 481 47.69 -16.07 -14.15
N PHE B 482 47.06 -16.77 -15.09
CA PHE B 482 45.76 -17.38 -14.86
C PHE B 482 45.84 -18.47 -13.80
N GLU B 483 46.92 -19.25 -13.82
CA GLU B 483 47.09 -20.30 -12.83
C GLU B 483 47.18 -19.72 -11.42
N GLY B 484 47.90 -18.61 -11.29
CA GLY B 484 47.99 -17.92 -10.01
C GLY B 484 46.64 -17.41 -9.57
N TYR B 485 45.88 -16.89 -10.53
CA TYR B 485 44.53 -16.41 -10.30
C TYR B 485 43.64 -17.54 -9.78
N VAL B 486 43.69 -18.68 -10.47
CA VAL B 486 42.89 -19.85 -10.11
C VAL B 486 43.24 -20.35 -8.71
N TRP B 487 44.52 -20.53 -8.45
CA TRP B 487 44.97 -21.04 -7.17
C TRP B 487 44.59 -20.10 -6.03
N GLU B 488 44.58 -18.80 -6.31
CA GLU B 488 44.24 -17.80 -5.31
C GLU B 488 42.79 -17.92 -4.86
N ILE B 489 41.85 -17.96 -5.81
CA ILE B 489 40.44 -18.03 -5.47
C ILE B 489 40.07 -19.39 -4.87
N ILE B 490 40.86 -20.42 -5.21
CA ILE B 490 40.67 -21.73 -4.62
C ILE B 490 41.08 -21.71 -3.14
N THR B 491 42.26 -21.16 -2.88
CA THR B 491 42.78 -21.06 -1.52
C THR B 491 41.92 -20.16 -0.64
N LYS B 492 41.37 -19.11 -1.25
CA LYS B 492 40.54 -18.16 -0.51
C LYS B 492 39.08 -18.63 -0.49
N ARG B 493 38.83 -19.80 -1.06
CA ARG B 493 37.50 -20.42 -1.08
C ARG B 493 36.44 -19.47 -1.64
N GLU B 494 36.76 -18.82 -2.76
CA GLU B 494 35.86 -17.85 -3.37
C GLU B 494 35.31 -18.34 -4.70
N VAL B 495 35.51 -19.62 -4.99
CA VAL B 495 35.03 -20.20 -6.24
C VAL B 495 34.11 -21.39 -5.97
N SER B 496 33.09 -21.56 -6.80
CA SER B 496 32.18 -22.69 -6.68
C SER B 496 32.88 -24.00 -6.99
N PRO B 497 32.58 -25.05 -6.21
CA PRO B 497 33.14 -26.39 -6.43
C PRO B 497 32.72 -26.98 -7.77
N GLU B 498 31.67 -26.41 -8.36
CA GLU B 498 31.12 -26.90 -9.62
C GLU B 498 32.08 -26.74 -10.80
N ILE B 499 33.14 -25.95 -10.62
CA ILE B 499 34.12 -25.80 -11.68
C ILE B 499 34.89 -27.10 -11.89
N PHE B 500 34.88 -27.95 -10.86
CA PHE B 500 35.60 -29.23 -10.92
C PHE B 500 34.74 -30.36 -11.47
N LEU B 501 33.50 -30.05 -11.84
CA LEU B 501 32.65 -31.03 -12.51
C LEU B 501 33.33 -31.50 -13.79
N GLU B 502 33.33 -32.80 -14.03
CA GLU B 502 34.20 -33.41 -15.03
C GLU B 502 34.00 -32.92 -16.46
N GLU B 503 32.81 -32.41 -16.76
CA GLU B 503 32.53 -31.96 -18.13
C GLU B 503 32.62 -30.43 -18.27
N SER B 504 33.06 -29.76 -17.21
CA SER B 504 33.11 -28.30 -17.22
C SER B 504 34.27 -27.77 -18.07
N SER B 505 34.17 -26.50 -18.47
CA SER B 505 35.21 -25.88 -19.28
C SER B 505 36.49 -25.64 -18.51
N PHE B 506 36.40 -25.63 -17.17
CA PHE B 506 37.60 -25.50 -16.35
C PHE B 506 38.41 -26.78 -16.37
N MET B 507 37.71 -27.92 -16.28
CA MET B 507 38.39 -29.21 -16.30
C MET B 507 38.97 -29.48 -17.69
N LYS B 508 38.34 -28.93 -18.72
CA LYS B 508 38.92 -29.01 -20.05
C LYS B 508 40.18 -28.15 -20.12
N TRP B 509 40.13 -26.98 -19.49
CA TRP B 509 41.29 -26.10 -19.43
C TRP B 509 42.45 -26.80 -18.76
N TRP B 510 42.17 -27.47 -17.64
CA TRP B 510 43.22 -28.16 -16.90
C TRP B 510 43.86 -29.25 -17.74
N LYS B 511 43.03 -30.03 -18.43
CA LYS B 511 43.51 -31.11 -19.27
C LYS B 511 44.44 -30.57 -20.36
N GLU B 512 44.06 -29.47 -20.97
CA GLU B 512 44.85 -28.86 -22.04
C GLU B 512 46.10 -28.16 -21.49
N TYR B 513 45.97 -27.56 -20.33
CA TYR B 513 47.10 -26.89 -19.68
C TYR B 513 48.13 -27.92 -19.22
N LYS B 514 47.64 -29.07 -18.78
CA LYS B 514 48.48 -30.17 -18.32
C LYS B 514 49.39 -30.66 -19.44
N LYS B 515 48.84 -30.79 -20.64
CA LYS B 515 49.60 -31.26 -21.80
C LYS B 515 50.69 -30.27 -22.21
N ILE B 516 50.40 -28.98 -22.05
CA ILE B 516 51.24 -27.95 -22.62
C ILE B 516 52.35 -27.45 -21.69
N LYS B 517 52.17 -27.62 -20.39
CA LYS B 517 53.13 -27.09 -19.43
C LYS B 517 54.18 -28.13 -19.06
N GLY B 518 53.93 -29.37 -19.49
CA GLY B 518 54.94 -30.42 -19.42
C GLY B 518 55.28 -31.00 -18.05
N PHE B 519 56.56 -30.91 -17.69
CA PHE B 519 57.09 -31.62 -16.53
C PHE B 519 57.19 -30.78 -15.27
N ASN B 520 56.94 -29.49 -15.37
CA ASN B 520 57.06 -28.61 -14.21
C ASN B 520 55.88 -28.78 -13.26
N SER B 521 56.12 -28.56 -11.98
CA SER B 521 55.09 -28.77 -10.96
C SER B 521 54.74 -27.48 -10.24
N SER B 522 53.59 -27.48 -9.58
CA SER B 522 53.10 -26.32 -8.84
C SER B 522 52.09 -26.74 -7.77
N TYR B 523 51.60 -25.77 -7.01
CA TYR B 523 50.61 -26.04 -5.98
C TYR B 523 49.30 -26.51 -6.60
N LEU B 524 48.88 -25.87 -7.68
CA LEU B 524 47.66 -26.24 -8.38
C LEU B 524 47.82 -27.62 -9.03
N THR B 525 49.00 -27.88 -9.57
CA THR B 525 49.27 -29.15 -10.25
C THR B 525 49.10 -30.34 -9.34
N GLU B 526 49.66 -30.26 -8.14
CA GLU B 526 49.52 -31.31 -7.14
C GLU B 526 48.06 -31.41 -6.67
N PHE B 527 47.44 -30.25 -6.52
CA PHE B 527 46.05 -30.16 -6.10
C PHE B 527 45.12 -30.89 -7.06
N MET B 528 45.36 -30.73 -8.36
CA MET B 528 44.54 -31.37 -9.38
C MET B 528 44.91 -32.84 -9.58
N ASN B 529 46.20 -33.14 -9.64
CA ASN B 529 46.66 -34.50 -9.91
C ASN B 529 46.35 -35.48 -8.78
N THR B 530 46.40 -34.99 -7.54
CA THR B 530 46.04 -35.83 -6.39
C THR B 530 44.54 -35.79 -6.15
N ARG B 531 43.84 -35.03 -6.99
CA ARG B 531 42.38 -34.89 -6.91
C ARG B 531 41.94 -34.39 -5.55
N LYS B 532 42.71 -33.46 -4.98
CA LYS B 532 42.38 -32.85 -3.70
C LYS B 532 41.13 -31.97 -3.82
N TYR B 533 40.76 -31.65 -5.06
CA TYR B 533 39.60 -30.80 -5.31
C TYR B 533 38.29 -31.47 -4.88
N GLU B 534 38.31 -32.79 -4.78
CA GLU B 534 37.11 -33.54 -4.37
C GLU B 534 36.75 -33.25 -2.92
N SER B 535 37.70 -32.72 -2.16
CA SER B 535 37.44 -32.38 -0.77
C SER B 535 37.38 -30.86 -0.59
N TYR B 536 37.47 -30.12 -1.69
CA TYR B 536 37.40 -28.66 -1.64
C TYR B 536 35.99 -28.19 -1.29
N GLY B 537 35.92 -27.11 -0.50
CA GLY B 537 34.66 -26.47 -0.21
C GLY B 537 33.76 -27.23 0.74
N LYS B 538 34.38 -28.02 1.63
CA LYS B 538 33.63 -28.75 2.63
C LYS B 538 33.55 -27.96 3.93
N SER B 539 32.74 -28.42 4.86
CA SER B 539 32.58 -27.75 6.14
C SER B 539 33.85 -27.89 6.98
N GLN B 540 34.02 -26.98 7.93
CA GLN B 540 35.19 -26.99 8.79
C GLN B 540 35.01 -26.07 10.00
#